data_6WVO
#
_entry.id   6WVO
#
_cell.length_a   104.871
_cell.length_b   104.871
_cell.length_c   322.818
_cell.angle_alpha   90.000
_cell.angle_beta   90.000
_cell.angle_gamma   120.000
#
_symmetry.space_group_name_H-M   'P 31 2 1'
#
loop_
_entity.id
_entity.type
_entity.pdbx_description
1 polymer Acetylcholinesterase
2 branched 2-acetamido-2-deoxy-beta-D-glucopyranose-(1-4)-[alpha-L-fucopyranose-(1-6)]2-acetamido-2-deoxy-beta-D-glucopyranose
3 non-polymer 1,2-ETHANEDIOL
4 non-polymer '(1R)-1,2,2-TRIMETHYLPROPYL (S)-METHYLPHOSPHINATE'
5 non-polymer 4-(AMINOCARBONYL)-1-[({2-[(E)-(HYDROXYIMINO)METHYL]PYRIDINIUM-1-YL}METHOXY)METHYL]PYRIDINIUM
6 non-polymer 2-acetamido-2-deoxy-beta-D-glucopyranose
7 non-polymer 'NITRATE ION'
8 non-polymer 3,6,9,12,15,18,21-HEPTAOXATRICOSANE-1,23-DIOL
9 water water
#
_entity_poly.entity_id   1
_entity_poly.type   'polypeptide(L)'
_entity_poly.pdbx_seq_one_letter_code
;GREDAELLVTVRGGRLRGIRLKTPGGPVSAFLGIPFAEPPMGPRRFLPPEPKQPWSGVVDATTFQSVCYQYVDTLYPGFE
GTEMWNPNRELSEDCLYLNVWTPYPRPTSPTPVLVWIYGGGFYSGASSLDVYDGRFLVQAERTVLVSMNYRVGAFGFLAL
PGSREAPGNVGLLDQRLALQWVQENVAAFGGDPTSVTLFGESAGAASVGMHLLSPPSRGLFHRAVLQSGAPNGPWATVGM
GEARRRATQLAHLVGCPPGGTGGNDTELVACLRTRPAQVLVNHEWHVLPQESVFRFSFVPVVDGDFLSDTPEALINAGDF
HGLQVLVGVVKDEGSYFLVYGAPGFSKDNESLISRAEFLAGVRVGVPQVSDLAAEAVVLHYTDWLHPEDPARLREALSDV
VGDHNVVCPVAQLAGRLAAQGARVYAYVFEHRASTLSWPLWMGVPHGYEIEFIFGIPLDPSRNYTAEEKIFAQRLMRYWA
NFARTGDPNEPRDPKAPQWPPYTAGAQQYVSLDLRPLEVRRGLRAQACAFWNRFLPKLLSAT
;
_entity_poly.pdbx_strand_id   A,B
#
loop_
_chem_comp.id
_chem_comp.type
_chem_comp.name
_chem_comp.formula
EDO non-polymer 1,2-ETHANEDIOL 'C2 H6 O2'
FUC L-saccharide, alpha linking alpha-L-fucopyranose 'C6 H12 O5'
GD8 non-polymer '(1R)-1,2,2-TRIMETHYLPROPYL (S)-METHYLPHOSPHINATE' 'C7 H17 O2 P'
HI6 non-polymer 4-(AMINOCARBONYL)-1-[({2-[(E)-(HYDROXYIMINO)METHYL]PYRIDINIUM-1-YL}METHOXY)METHYL]PYRIDINIUM 'C14 H16 N4 O3 2'
NAG D-saccharide, beta linking 2-acetamido-2-deoxy-beta-D-glucopyranose 'C8 H15 N O6'
NO3 non-polymer 'NITRATE ION' 'N O3 -1'
PE8 non-polymer 3,6,9,12,15,18,21-HEPTAOXATRICOSANE-1,23-DIOL 'C16 H34 O9'
#
# COMPACT_ATOMS: atom_id res chain seq x y z
N GLU A 3 -30.16 61.23 5.85
CA GLU A 3 -29.60 60.30 4.87
C GLU A 3 -28.10 60.10 5.10
N ASP A 4 -27.65 58.85 5.16
CA ASP A 4 -26.26 58.52 5.46
C ASP A 4 -25.45 58.46 4.17
N ALA A 5 -24.57 59.46 3.98
CA ALA A 5 -23.77 59.51 2.76
C ALA A 5 -22.80 58.35 2.69
N GLU A 6 -22.43 57.77 3.84
CA GLU A 6 -21.57 56.60 3.86
C GLU A 6 -22.22 55.40 3.15
N LEU A 7 -23.55 55.35 3.13
CA LEU A 7 -24.32 54.29 2.51
C LEU A 7 -24.77 54.61 1.10
N LEU A 8 -24.27 55.68 0.49
CA LEU A 8 -24.55 55.97 -0.90
C LEU A 8 -23.25 55.79 -1.68
N VAL A 9 -23.33 55.03 -2.76
CA VAL A 9 -22.18 54.72 -3.60
C VAL A 9 -22.63 54.79 -5.04
N THR A 10 -21.79 55.36 -5.89
CA THR A 10 -22.03 55.37 -7.32
C THR A 10 -20.99 54.44 -7.96
N VAL A 11 -21.47 53.46 -8.70
CA VAL A 11 -20.58 52.56 -9.44
C VAL A 11 -20.91 52.81 -10.89
N ARG A 12 -20.22 52.10 -11.79
CA ARG A 12 -20.30 52.43 -13.21
C ARG A 12 -21.72 52.38 -13.72
N GLY A 13 -22.54 51.47 -13.21
CA GLY A 13 -23.87 51.33 -13.76
C GLY A 13 -24.92 52.23 -13.16
N GLY A 14 -24.55 52.98 -12.13
CA GLY A 14 -25.51 53.82 -11.45
C GLY A 14 -25.27 53.79 -9.96
N ARG A 15 -26.32 54.14 -9.23
CA ARG A 15 -26.24 54.48 -7.82
C ARG A 15 -26.82 53.38 -6.95
N LEU A 16 -26.26 53.24 -5.75
CA LEU A 16 -26.63 52.20 -4.81
C LEU A 16 -26.84 52.80 -3.42
N ARG A 17 -27.76 52.20 -2.68
N ARG A 17 -27.77 52.22 -2.67
CA ARG A 17 -28.00 52.53 -1.28
CA ARG A 17 -27.96 52.57 -1.27
C ARG A 17 -27.73 51.30 -0.43
C ARG A 17 -27.75 51.33 -0.41
N GLY A 18 -26.79 51.40 0.50
CA GLY A 18 -26.47 50.32 1.40
C GLY A 18 -27.17 50.37 2.75
N ILE A 19 -26.60 49.66 3.70
CA ILE A 19 -27.19 49.53 5.03
C ILE A 19 -26.07 49.40 6.04
N ARG A 20 -26.24 50.08 7.18
CA ARG A 20 -25.31 49.95 8.29
C ARG A 20 -25.68 48.70 9.08
N LEU A 21 -24.67 47.88 9.38
CA LEU A 21 -24.86 46.67 10.18
C LEU A 21 -24.09 46.81 11.47
N LYS A 22 -24.58 46.14 12.51
CA LYS A 22 -23.96 46.12 13.82
C LYS A 22 -23.13 44.84 14.03
N THR A 23 -22.00 44.99 14.71
CA THR A 23 -21.18 43.90 15.22
C THR A 23 -20.78 44.25 16.64
N PRO A 24 -20.34 43.27 17.43
CA PRO A 24 -19.85 43.58 18.78
C PRO A 24 -18.66 44.52 18.78
N GLY A 25 -18.00 44.73 17.65
CA GLY A 25 -16.89 45.65 17.57
C GLY A 25 -17.21 46.97 16.89
N GLY A 26 -18.48 47.23 16.60
CA GLY A 26 -18.84 48.44 15.91
C GLY A 26 -19.47 48.19 14.56
N PRO A 27 -19.89 49.26 13.91
CA PRO A 27 -20.65 49.12 12.66
C PRO A 27 -19.78 48.77 11.46
N VAL A 28 -20.47 48.36 10.41
CA VAL A 28 -19.89 47.99 9.14
C VAL A 28 -20.87 48.46 8.08
N SER A 29 -20.37 48.82 6.90
CA SER A 29 -21.25 49.15 5.80
C SER A 29 -21.37 47.92 4.90
N ALA A 30 -22.59 47.63 4.48
CA ALA A 30 -22.86 46.51 3.59
C ALA A 30 -23.68 46.97 2.40
N PHE A 31 -23.37 46.42 1.23
CA PHE A 31 -24.09 46.70 0.00
C PHE A 31 -24.44 45.34 -0.59
N LEU A 32 -25.70 44.92 -0.39
CA LEU A 32 -26.12 43.56 -0.65
C LEU A 32 -27.12 43.54 -1.81
N GLY A 33 -26.93 42.58 -2.71
CA GLY A 33 -27.82 42.46 -3.86
C GLY A 33 -27.51 43.42 -4.98
N ILE A 34 -26.23 43.75 -5.17
CA ILE A 34 -25.82 44.59 -6.30
C ILE A 34 -25.87 43.75 -7.58
N PRO A 35 -26.66 44.15 -8.58
CA PRO A 35 -26.67 43.38 -9.84
C PRO A 35 -25.36 43.55 -10.59
N PHE A 36 -24.73 42.42 -10.98
CA PHE A 36 -23.54 42.51 -11.81
C PHE A 36 -23.73 41.91 -13.19
N ALA A 37 -24.87 41.29 -13.49
CA ALA A 37 -25.13 40.77 -14.82
C ALA A 37 -26.59 40.98 -15.17
N GLU A 38 -26.87 40.94 -16.47
CA GLU A 38 -28.27 40.84 -16.90
C GLU A 38 -28.84 39.50 -16.41
N PRO A 39 -30.08 39.48 -15.94
CA PRO A 39 -30.68 38.23 -15.47
C PRO A 39 -30.59 37.14 -16.53
N PRO A 40 -29.94 36.02 -16.23
CA PRO A 40 -29.75 34.96 -17.23
C PRO A 40 -31.01 34.11 -17.40
N MET A 41 -32.05 34.74 -17.91
CA MET A 41 -33.39 34.18 -17.99
C MET A 41 -33.83 33.94 -19.43
N GLY A 42 -34.81 33.06 -19.58
CA GLY A 42 -35.36 32.71 -20.87
C GLY A 42 -34.29 32.33 -21.88
N PRO A 43 -34.18 33.14 -22.94
CA PRO A 43 -33.16 32.85 -23.96
C PRO A 43 -31.74 32.89 -23.42
N ARG A 44 -31.50 33.58 -22.30
CA ARG A 44 -30.16 33.65 -21.74
C ARG A 44 -29.79 32.47 -20.84
N ARG A 45 -30.74 31.56 -20.56
CA ARG A 45 -30.40 30.36 -19.81
C ARG A 45 -29.37 29.54 -20.57
N PHE A 46 -28.37 29.04 -19.85
CA PHE A 46 -27.16 28.35 -20.33
C PHE A 46 -26.18 29.28 -21.04
N LEU A 47 -26.49 30.56 -21.21
CA LEU A 47 -25.58 31.41 -21.96
C LEU A 47 -24.59 32.12 -21.05
N PRO A 48 -23.45 32.56 -21.58
CA PRO A 48 -22.52 33.33 -20.78
C PRO A 48 -23.22 34.56 -20.21
N PRO A 49 -22.77 35.05 -19.07
CA PRO A 49 -23.42 36.22 -18.48
C PRO A 49 -23.13 37.47 -19.28
N GLU A 50 -24.11 38.38 -19.31
CA GLU A 50 -23.78 39.65 -19.93
C GLU A 50 -23.75 40.74 -18.88
N PRO A 51 -22.86 41.71 -19.02
CA PRO A 51 -22.73 42.75 -17.99
C PRO A 51 -24.06 43.46 -17.79
N LYS A 52 -24.35 43.81 -16.54
CA LYS A 52 -25.57 44.52 -16.22
C LYS A 52 -25.59 45.86 -16.94
N GLN A 53 -26.70 46.12 -17.64
N GLN A 53 -26.69 46.13 -17.65
CA GLN A 53 -26.87 47.41 -18.31
CA GLN A 53 -26.81 47.42 -18.32
C GLN A 53 -27.11 48.51 -17.27
C GLN A 53 -27.12 48.51 -17.29
N PRO A 54 -26.60 49.72 -17.49
CA PRO A 54 -26.78 50.80 -16.51
C PRO A 54 -28.24 51.10 -16.19
N TRP A 55 -28.46 51.58 -14.98
CA TRP A 55 -29.79 51.88 -14.49
C TRP A 55 -29.87 53.34 -14.03
N SER A 56 -31.09 53.86 -13.99
CA SER A 56 -31.32 55.16 -13.38
C SER A 56 -32.01 54.96 -12.03
N GLY A 57 -31.98 55.99 -11.23
CA GLY A 57 -32.45 55.82 -9.86
C GLY A 57 -31.39 55.18 -8.97
N VAL A 58 -31.86 54.67 -7.84
CA VAL A 58 -31.00 54.10 -6.81
C VAL A 58 -31.41 52.65 -6.60
N VAL A 59 -30.47 51.73 -6.81
CA VAL A 59 -30.72 50.33 -6.49
C VAL A 59 -30.74 50.15 -4.99
N ASP A 60 -31.78 49.49 -4.49
CA ASP A 60 -31.85 49.11 -3.08
C ASP A 60 -30.84 48.00 -2.82
N ALA A 61 -29.75 48.33 -2.12
CA ALA A 61 -28.73 47.33 -1.80
C ALA A 61 -28.67 47.08 -0.30
N THR A 62 -29.82 46.79 0.31
CA THR A 62 -29.91 46.64 1.75
C THR A 62 -30.23 45.21 2.17
N THR A 63 -30.46 44.31 1.23
CA THR A 63 -30.83 42.95 1.57
C THR A 63 -30.24 41.98 0.53
N PHE A 64 -30.03 40.73 0.94
CA PHE A 64 -29.54 39.71 0.01
C PHE A 64 -30.56 39.47 -1.09
N GLN A 65 -30.05 39.16 -2.28
CA GLN A 65 -30.93 38.85 -3.39
C GLN A 65 -31.15 37.35 -3.47
N SER A 66 -31.91 36.92 -4.47
CA SER A 66 -32.34 35.54 -4.60
C SER A 66 -31.16 34.57 -4.72
N VAL A 67 -31.37 33.36 -4.22
CA VAL A 67 -30.45 32.24 -4.44
C VAL A 67 -30.67 31.65 -5.82
N CYS A 68 -29.57 31.35 -6.52
CA CYS A 68 -29.69 30.67 -7.81
C CYS A 68 -30.35 29.32 -7.66
N TYR A 69 -31.22 28.98 -8.62
CA TYR A 69 -31.95 27.71 -8.57
C TYR A 69 -31.06 26.50 -8.29
N GLN A 70 -31.48 25.68 -7.34
CA GLN A 70 -30.64 24.59 -6.87
C GLN A 70 -31.45 23.59 -6.06
N TYR A 71 -30.94 22.36 -6.01
CA TYR A 71 -31.49 21.32 -5.15
C TYR A 71 -31.44 21.74 -3.70
N VAL A 72 -32.45 21.35 -2.93
CA VAL A 72 -32.52 21.62 -1.49
C VAL A 72 -32.37 20.28 -0.76
N ASP A 73 -31.38 20.19 0.11
CA ASP A 73 -31.14 18.96 0.84
C ASP A 73 -32.30 18.63 1.77
N THR A 74 -32.70 17.37 1.77
CA THR A 74 -33.85 16.91 2.55
C THR A 74 -33.53 15.70 3.43
N LEU A 75 -32.26 15.31 3.55
CA LEU A 75 -31.92 14.08 4.26
C LEU A 75 -32.26 14.15 5.75
N TYR A 76 -32.11 15.32 6.37
CA TYR A 76 -32.45 15.51 7.78
C TYR A 76 -33.22 16.81 7.94
N PRO A 77 -34.50 16.83 7.53
CA PRO A 77 -35.27 18.08 7.54
C PRO A 77 -35.23 18.75 8.90
N GLY A 78 -34.91 20.05 8.91
CA GLY A 78 -34.84 20.83 10.12
C GLY A 78 -33.56 20.68 10.92
N PHE A 79 -32.71 19.72 10.57
CA PHE A 79 -31.43 19.56 11.26
C PHE A 79 -30.55 20.77 10.96
N GLU A 80 -29.93 21.32 12.00
CA GLU A 80 -29.09 22.50 11.78
C GLU A 80 -27.93 22.19 10.84
N GLY A 81 -27.31 21.01 11.00
CA GLY A 81 -26.09 20.71 10.27
C GLY A 81 -26.28 20.66 8.77
N THR A 82 -27.51 20.41 8.32
CA THR A 82 -27.82 20.46 6.90
C THR A 82 -28.47 21.79 6.47
N GLU A 83 -29.39 22.34 7.29
CA GLU A 83 -30.12 23.52 6.84
C GLU A 83 -29.21 24.74 6.69
N MET A 84 -28.10 24.79 7.44
CA MET A 84 -27.19 25.93 7.35
C MET A 84 -26.62 26.11 5.95
N TRP A 85 -26.66 25.07 5.10
CA TRP A 85 -26.20 25.16 3.72
C TRP A 85 -27.34 25.34 2.73
N ASN A 86 -28.58 25.09 3.14
CA ASN A 86 -29.70 25.22 2.23
C ASN A 86 -30.02 26.70 1.95
N PRO A 87 -30.71 26.97 0.83
CA PRO A 87 -31.06 28.35 0.50
C PRO A 87 -31.85 29.03 1.61
N ASN A 88 -31.42 30.26 1.96
CA ASN A 88 -32.11 31.09 2.94
C ASN A 88 -32.73 32.34 2.31
N ARG A 89 -32.88 32.35 0.99
CA ARG A 89 -33.71 33.30 0.27
C ARG A 89 -34.42 32.53 -0.84
N GLU A 90 -35.37 33.19 -1.50
CA GLU A 90 -36.12 32.52 -2.55
C GLU A 90 -35.20 32.12 -3.69
N LEU A 91 -35.56 31.02 -4.36
CA LEU A 91 -34.85 30.58 -5.54
C LEU A 91 -35.31 31.40 -6.74
N SER A 92 -34.36 31.73 -7.61
CA SER A 92 -34.67 32.40 -8.87
C SER A 92 -33.48 32.26 -9.80
N GLU A 93 -33.76 32.13 -11.09
CA GLU A 93 -32.69 32.28 -12.07
C GLU A 93 -32.19 33.71 -12.11
N ASP A 94 -33.02 34.66 -11.70
CA ASP A 94 -32.60 36.05 -11.58
C ASP A 94 -31.83 36.13 -10.27
N CYS A 95 -30.54 35.76 -10.34
CA CYS A 95 -29.75 35.60 -9.12
C CYS A 95 -28.35 36.17 -9.20
N LEU A 96 -27.95 36.77 -10.31
CA LEU A 96 -26.55 37.17 -10.44
C LEU A 96 -26.38 38.53 -9.77
N TYR A 97 -26.24 38.48 -8.45
CA TYR A 97 -25.96 39.64 -7.62
C TYR A 97 -24.73 39.36 -6.77
N LEU A 98 -24.07 40.43 -6.32
CA LEU A 98 -22.90 40.30 -5.46
C LEU A 98 -23.06 41.25 -4.27
N ASN A 99 -22.15 41.14 -3.31
CA ASN A 99 -22.24 41.86 -2.05
C ASN A 99 -20.88 42.47 -1.73
N VAL A 100 -20.90 43.67 -1.16
CA VAL A 100 -19.70 44.35 -0.69
C VAL A 100 -19.90 44.70 0.78
N TRP A 101 -19.00 44.27 1.63
CA TRP A 101 -18.92 44.72 3.01
C TRP A 101 -17.67 45.58 3.14
N THR A 102 -17.78 46.63 3.92
CA THR A 102 -16.71 47.60 4.01
C THR A 102 -16.71 48.15 5.43
N PRO A 103 -15.58 48.62 5.94
CA PRO A 103 -15.58 49.30 7.24
C PRO A 103 -16.47 50.54 7.23
N TYR A 104 -16.89 50.94 8.44
CA TYR A 104 -17.69 52.15 8.64
C TYR A 104 -16.94 53.14 9.52
N PRO A 105 -16.73 54.39 9.08
CA PRO A 105 -17.14 54.89 7.75
C PRO A 105 -16.34 54.22 6.64
N ARG A 106 -16.83 54.31 5.41
CA ARG A 106 -16.13 53.69 4.29
C ARG A 106 -14.67 54.13 4.30
N PRO A 107 -13.73 53.22 4.07
CA PRO A 107 -12.31 53.62 4.05
C PRO A 107 -12.07 54.69 3.00
N THR A 108 -11.04 55.51 3.26
CA THR A 108 -10.69 56.58 2.34
C THR A 108 -9.32 56.38 1.70
N SER A 109 -8.63 55.29 2.01
CA SER A 109 -7.42 54.88 1.32
C SER A 109 -7.57 53.44 0.88
N PRO A 110 -6.91 53.04 -0.23
CA PRO A 110 -7.18 51.70 -0.82
C PRO A 110 -7.04 50.58 0.20
N THR A 111 -8.09 49.80 0.36
CA THR A 111 -8.14 48.71 1.33
C THR A 111 -8.06 47.37 0.60
N PRO A 112 -7.27 46.41 1.11
CA PRO A 112 -7.18 45.09 0.46
C PRO A 112 -8.52 44.39 0.41
N VAL A 113 -8.75 43.65 -0.69
CA VAL A 113 -10.05 43.05 -0.98
C VAL A 113 -9.96 41.53 -0.87
N LEU A 114 -10.88 40.93 -0.12
CA LEU A 114 -11.11 39.49 -0.10
C LEU A 114 -12.35 39.20 -0.92
N VAL A 115 -12.27 38.22 -1.81
CA VAL A 115 -13.44 37.80 -2.60
C VAL A 115 -13.76 36.37 -2.24
N TRP A 116 -14.97 36.15 -1.74
CA TRP A 116 -15.42 34.83 -1.31
C TRP A 116 -16.20 34.16 -2.43
N ILE A 117 -15.83 32.92 -2.76
CA ILE A 117 -16.57 32.09 -3.70
C ILE A 117 -17.08 30.87 -2.94
N TYR A 118 -18.40 30.69 -2.88
CA TYR A 118 -18.93 29.62 -2.05
C TYR A 118 -18.78 28.25 -2.73
N GLY A 119 -18.79 27.20 -1.90
CA GLY A 119 -18.85 25.85 -2.39
C GLY A 119 -20.28 25.33 -2.42
N GLY A 120 -20.41 24.03 -2.65
CA GLY A 120 -21.69 23.39 -2.77
C GLY A 120 -21.77 22.46 -3.97
N GLY A 121 -20.63 21.81 -4.28
CA GLY A 121 -20.53 20.82 -5.34
C GLY A 121 -20.85 21.32 -6.73
N PHE A 122 -20.83 22.64 -6.94
CA PHE A 122 -21.27 23.31 -8.16
C PHE A 122 -22.75 23.10 -8.43
N TYR A 123 -23.51 22.53 -7.49
CA TYR A 123 -24.93 22.32 -7.67
C TYR A 123 -25.74 23.11 -6.67
N SER A 124 -25.10 23.79 -5.72
CA SER A 124 -25.78 24.46 -4.63
C SER A 124 -24.88 25.55 -4.09
N GLY A 125 -25.41 26.29 -3.11
CA GLY A 125 -24.67 27.33 -2.42
C GLY A 125 -25.28 28.69 -2.65
N ALA A 126 -24.94 29.64 -1.80
CA ALA A 126 -25.42 31.01 -1.94
C ALA A 126 -24.54 31.93 -1.12
N SER A 127 -24.37 33.16 -1.59
CA SER A 127 -23.59 34.13 -0.84
C SER A 127 -24.33 34.68 0.38
N SER A 128 -25.63 34.43 0.48
CA SER A 128 -26.46 34.97 1.55
C SER A 128 -26.48 34.11 2.80
N LEU A 129 -25.81 32.95 2.80
CA LEU A 129 -25.86 32.05 3.95
C LEU A 129 -25.27 32.73 5.18
N ASP A 130 -25.88 32.49 6.34
CA ASP A 130 -25.39 33.10 7.59
C ASP A 130 -23.91 32.84 7.81
N VAL A 131 -23.44 31.66 7.44
CA VAL A 131 -22.07 31.30 7.77
C VAL A 131 -21.06 32.07 6.92
N TYR A 132 -21.49 32.71 5.84
CA TYR A 132 -20.62 33.53 5.01
C TYR A 132 -20.75 35.03 5.32
N ASP A 133 -21.38 35.40 6.44
CA ASP A 133 -21.64 36.80 6.77
C ASP A 133 -20.34 37.57 6.93
N GLY A 134 -20.15 38.60 6.10
CA GLY A 134 -18.87 39.26 6.06
C GLY A 134 -18.57 40.30 7.13
N ARG A 135 -19.52 40.58 8.02
CA ARG A 135 -19.40 41.77 8.87
C ARG A 135 -18.27 41.64 9.89
N PHE A 136 -18.03 40.43 10.42
CA PHE A 136 -17.03 40.29 11.48
C PHE A 136 -15.61 40.39 10.93
N LEU A 137 -15.35 39.79 9.76
CA LEU A 137 -14.04 39.89 9.14
C LEU A 137 -13.73 41.32 8.77
N VAL A 138 -14.68 41.99 8.14
CA VAL A 138 -14.47 43.36 7.71
C VAL A 138 -14.22 44.28 8.91
N GLN A 139 -15.00 44.13 9.96
CA GLN A 139 -14.81 44.98 11.14
C GLN A 139 -13.48 44.68 11.81
N ALA A 140 -13.18 43.40 12.03
CA ALA A 140 -11.99 43.04 12.81
C ALA A 140 -10.70 43.28 12.04
N GLU A 141 -10.70 43.08 10.72
CA GLU A 141 -9.44 43.07 9.99
C GLU A 141 -9.39 44.18 8.95
N ARG A 142 -10.48 44.93 8.78
CA ARG A 142 -10.48 46.15 7.99
C ARG A 142 -10.05 45.87 6.56
N THR A 143 -10.71 44.88 5.97
CA THR A 143 -10.62 44.54 4.56
C THR A 143 -11.94 44.94 3.92
N VAL A 144 -11.94 45.06 2.62
CA VAL A 144 -13.19 45.01 1.88
C VAL A 144 -13.46 43.56 1.52
N LEU A 145 -14.70 43.11 1.72
CA LEU A 145 -15.09 41.74 1.41
C LEU A 145 -16.17 41.76 0.35
N VAL A 146 -15.96 41.00 -0.72
CA VAL A 146 -16.94 40.82 -1.79
C VAL A 146 -17.27 39.34 -1.88
N SER A 147 -18.55 39.04 -2.11
CA SER A 147 -18.97 37.69 -2.47
C SER A 147 -20.03 37.80 -3.54
N MET A 148 -20.07 36.82 -4.44
CA MET A 148 -21.05 36.83 -5.52
C MET A 148 -21.85 35.54 -5.54
N ASN A 149 -23.06 35.63 -6.08
CA ASN A 149 -23.79 34.44 -6.47
C ASN A 149 -23.38 34.07 -7.89
N TYR A 150 -23.18 32.77 -8.13
CA TYR A 150 -22.95 32.27 -9.48
C TYR A 150 -23.91 31.12 -9.75
N ARG A 151 -24.23 30.91 -11.02
CA ARG A 151 -25.19 29.86 -11.38
C ARG A 151 -24.60 28.48 -11.09
N VAL A 152 -25.44 27.60 -10.55
CA VAL A 152 -25.03 26.26 -10.18
C VAL A 152 -25.89 25.25 -10.94
N GLY A 153 -25.54 23.97 -10.78
CA GLY A 153 -26.25 22.90 -11.45
C GLY A 153 -26.25 23.08 -12.95
N ALA A 154 -27.29 22.55 -13.59
CA ALA A 154 -27.41 22.67 -15.04
C ALA A 154 -27.32 24.11 -15.50
N PHE A 155 -27.93 25.04 -14.73
CA PHE A 155 -27.95 26.46 -15.12
C PHE A 155 -26.55 27.03 -15.25
N GLY A 156 -25.60 26.56 -14.45
CA GLY A 156 -24.25 27.07 -14.51
C GLY A 156 -23.30 26.22 -15.34
N PHE A 157 -23.57 24.90 -15.44
CA PHE A 157 -22.53 24.02 -15.95
C PHE A 157 -23.02 22.94 -16.91
N LEU A 158 -24.29 22.92 -17.28
CA LEU A 158 -24.70 22.02 -18.36
C LEU A 158 -23.99 22.45 -19.64
N ALA A 159 -23.35 21.49 -20.32
CA ALA A 159 -22.53 21.76 -21.48
C ALA A 159 -22.88 20.79 -22.61
N LEU A 160 -23.09 21.33 -23.80
CA LEU A 160 -23.05 20.57 -25.05
C LEU A 160 -21.84 21.09 -25.79
N PRO A 161 -20.67 20.47 -25.61
CA PRO A 161 -19.41 21.11 -26.05
C PRO A 161 -19.36 21.38 -27.55
N GLY A 162 -18.79 22.53 -27.89
CA GLY A 162 -18.77 23.01 -29.25
C GLY A 162 -20.05 23.72 -29.66
N SER A 163 -21.10 23.67 -28.86
CA SER A 163 -22.34 24.38 -29.16
C SER A 163 -22.26 25.77 -28.58
N ARG A 164 -22.91 26.71 -29.22
CA ARG A 164 -22.88 28.01 -28.58
C ARG A 164 -24.14 28.27 -27.77
N GLU A 165 -25.19 27.47 -27.94
CA GLU A 165 -26.37 27.62 -27.10
C GLU A 165 -26.11 27.17 -25.67
N ALA A 166 -25.18 26.22 -25.47
CA ALA A 166 -24.85 25.70 -24.14
C ALA A 166 -23.37 25.36 -24.07
N PRO A 167 -22.51 26.37 -24.11
CA PRO A 167 -21.05 26.09 -24.20
C PRO A 167 -20.47 25.51 -22.93
N GLY A 168 -21.13 25.67 -21.79
CA GLY A 168 -20.59 25.19 -20.54
C GLY A 168 -19.76 26.24 -19.81
N ASN A 169 -19.55 26.00 -18.52
CA ASN A 169 -18.70 26.81 -17.66
C ASN A 169 -19.24 28.21 -17.45
N VAL A 170 -20.52 28.47 -17.72
CA VAL A 170 -20.98 29.86 -17.61
C VAL A 170 -21.06 30.30 -16.15
N GLY A 171 -21.29 29.36 -15.22
CA GLY A 171 -21.18 29.71 -13.81
C GLY A 171 -19.80 30.21 -13.44
N LEU A 172 -18.77 29.62 -14.05
CA LEU A 172 -17.42 30.15 -13.87
C LEU A 172 -17.29 31.53 -14.50
N LEU A 173 -17.94 31.74 -15.65
CA LEU A 173 -17.94 33.06 -16.25
C LEU A 173 -18.70 34.07 -15.38
N ASP A 174 -19.77 33.62 -14.69
CA ASP A 174 -20.40 34.46 -13.68
C ASP A 174 -19.38 34.95 -12.66
N GLN A 175 -18.55 34.03 -12.14
CA GLN A 175 -17.54 34.45 -11.16
C GLN A 175 -16.55 35.42 -11.79
N ARG A 176 -16.11 35.14 -13.02
CA ARG A 176 -15.12 36.01 -13.66
C ARG A 176 -15.69 37.41 -13.84
N LEU A 177 -16.95 37.48 -14.31
CA LEU A 177 -17.59 38.78 -14.49
C LEU A 177 -17.65 39.56 -13.18
N ALA A 178 -18.00 38.89 -12.08
CA ALA A 178 -17.97 39.54 -10.77
C ALA A 178 -16.57 40.04 -10.42
N LEU A 179 -15.54 39.24 -10.75
CA LEU A 179 -14.17 39.69 -10.53
C LEU A 179 -13.82 40.88 -11.42
N GLN A 180 -14.33 40.91 -12.65
CA GLN A 180 -14.16 42.08 -13.49
C GLN A 180 -14.87 43.28 -12.87
N TRP A 181 -16.07 43.05 -12.34
CA TRP A 181 -16.81 44.08 -11.64
C TRP A 181 -16.01 44.62 -10.46
N VAL A 182 -15.31 43.74 -9.74
CA VAL A 182 -14.53 44.22 -8.61
C VAL A 182 -13.42 45.14 -9.09
N GLN A 183 -12.68 44.72 -10.13
CA GLN A 183 -11.63 45.56 -10.71
C GLN A 183 -12.14 46.96 -11.06
N GLU A 184 -13.34 47.04 -11.64
CA GLU A 184 -13.82 48.33 -12.12
C GLU A 184 -14.46 49.18 -11.03
N ASN A 185 -15.03 48.58 -9.99
CA ASN A 185 -15.91 49.30 -9.09
C ASN A 185 -15.53 49.23 -7.62
N VAL A 186 -14.56 48.40 -7.24
CA VAL A 186 -14.35 48.21 -5.80
C VAL A 186 -13.74 49.47 -5.19
N ALA A 187 -13.05 50.28 -6.00
CA ALA A 187 -12.43 51.49 -5.50
C ALA A 187 -13.48 52.45 -4.97
N ALA A 188 -14.66 52.49 -5.62
CA ALA A 188 -15.78 53.31 -5.13
C ALA A 188 -16.21 52.94 -3.71
N PHE A 189 -15.73 51.82 -3.17
CA PHE A 189 -16.06 51.45 -1.81
C PHE A 189 -14.86 51.57 -0.88
N GLY A 190 -13.73 52.06 -1.37
CA GLY A 190 -12.51 52.06 -0.61
C GLY A 190 -11.63 50.84 -0.82
N GLY A 191 -12.06 49.91 -1.68
CA GLY A 191 -11.27 48.73 -1.92
C GLY A 191 -10.16 48.98 -2.92
N ASP A 192 -9.08 48.22 -2.78
CA ASP A 192 -7.91 48.36 -3.63
C ASP A 192 -7.94 47.29 -4.71
N PRO A 193 -8.23 47.63 -5.97
CA PRO A 193 -8.29 46.59 -7.01
C PRO A 193 -6.93 45.98 -7.34
N THR A 194 -5.82 46.54 -6.83
CA THR A 194 -4.51 45.95 -7.04
C THR A 194 -4.13 44.95 -5.95
N SER A 195 -5.03 44.71 -4.97
CA SER A 195 -4.79 43.77 -3.86
C SER A 195 -6.06 42.94 -3.63
N VAL A 196 -6.32 41.99 -4.52
CA VAL A 196 -7.52 41.17 -4.46
C VAL A 196 -7.09 39.73 -4.16
N THR A 197 -7.57 39.21 -3.03
CA THR A 197 -7.32 37.83 -2.63
C THR A 197 -8.60 37.03 -2.79
N LEU A 198 -8.57 36.01 -3.65
CA LEU A 198 -9.69 35.08 -3.74
C LEU A 198 -9.58 34.04 -2.64
N PHE A 199 -10.70 33.74 -2.00
CA PHE A 199 -10.75 32.59 -1.11
C PHE A 199 -12.09 31.88 -1.33
N GLY A 200 -12.09 30.57 -1.11
CA GLY A 200 -13.25 29.74 -1.34
C GLY A 200 -13.06 28.39 -0.69
N GLU A 201 -14.16 27.66 -0.55
CA GLU A 201 -14.15 26.37 0.13
C GLU A 201 -14.83 25.33 -0.75
N SER A 202 -14.25 24.12 -0.82
CA SER A 202 -14.79 23.00 -1.61
C SER A 202 -14.91 23.42 -3.06
N ALA A 203 -16.09 23.33 -3.69
CA ALA A 203 -16.24 23.79 -5.08
C ALA A 203 -15.83 25.25 -5.26
N GLY A 204 -15.95 26.07 -4.21
CA GLY A 204 -15.41 27.42 -4.29
C GLY A 204 -13.89 27.44 -4.33
N ALA A 205 -13.24 26.55 -3.58
CA ALA A 205 -11.79 26.40 -3.70
C ALA A 205 -11.40 25.86 -5.07
N ALA A 206 -12.13 24.86 -5.56
CA ALA A 206 -11.88 24.38 -6.92
C ALA A 206 -12.02 25.53 -7.92
N SER A 207 -13.04 26.38 -7.72
CA SER A 207 -13.23 27.55 -8.55
C SER A 207 -12.02 28.48 -8.51
N VAL A 208 -11.54 28.77 -7.30
CA VAL A 208 -10.34 29.61 -7.16
C VAL A 208 -9.21 29.05 -8.02
N GLY A 209 -8.87 27.77 -7.80
CA GLY A 209 -7.83 27.14 -8.59
C GLY A 209 -8.07 27.26 -10.07
N MET A 210 -9.32 27.13 -10.51
CA MET A 210 -9.59 27.25 -11.92
C MET A 210 -9.31 28.66 -12.44
N HIS A 211 -9.64 29.69 -11.65
CA HIS A 211 -9.27 31.06 -12.05
C HIS A 211 -7.74 31.23 -12.08
N LEU A 212 -7.03 30.53 -11.19
CA LEU A 212 -5.56 30.52 -11.26
C LEU A 212 -5.08 30.01 -12.62
N LEU A 213 -5.76 28.99 -13.14
CA LEU A 213 -5.29 28.24 -14.30
C LEU A 213 -5.89 28.72 -15.60
N SER A 214 -6.68 29.80 -15.57
CA SER A 214 -7.30 30.36 -16.77
C SER A 214 -6.78 31.77 -16.96
N PRO A 215 -5.95 32.02 -17.98
CA PRO A 215 -5.29 33.34 -18.12
C PRO A 215 -6.24 34.53 -18.07
N PRO A 216 -7.45 34.48 -18.67
CA PRO A 216 -8.34 35.66 -18.56
C PRO A 216 -8.80 35.97 -17.14
N SER A 217 -8.84 34.98 -16.24
CA SER A 217 -9.15 35.28 -14.84
C SER A 217 -7.94 35.72 -14.05
N ARG A 218 -6.74 35.33 -14.49
CA ARG A 218 -5.57 35.41 -13.64
C ARG A 218 -5.15 36.86 -13.40
N GLY A 219 -5.39 37.75 -14.37
CA GLY A 219 -5.10 39.15 -14.14
C GLY A 219 -6.12 39.88 -13.31
N LEU A 220 -7.12 39.19 -12.75
CA LEU A 220 -8.16 39.83 -11.97
C LEU A 220 -7.98 39.69 -10.47
N PHE A 221 -6.93 39.01 -10.01
CA PHE A 221 -6.68 38.86 -8.59
C PHE A 221 -5.18 38.61 -8.40
N HIS A 222 -4.75 38.56 -7.14
CA HIS A 222 -3.33 38.57 -6.84
C HIS A 222 -2.89 37.41 -5.95
N ARG A 223 -3.77 36.95 -5.06
CA ARG A 223 -3.49 35.87 -4.13
C ARG A 223 -4.71 34.97 -4.07
N ALA A 224 -4.52 33.75 -3.56
CA ALA A 224 -5.57 32.75 -3.62
C ALA A 224 -5.56 31.90 -2.35
N VAL A 225 -6.75 31.59 -1.85
CA VAL A 225 -6.90 30.71 -0.70
C VAL A 225 -7.84 29.58 -1.10
N LEU A 226 -7.38 28.35 -0.93
CA LEU A 226 -8.13 27.16 -1.32
C LEU A 226 -8.35 26.32 -0.07
N GLN A 227 -9.59 26.30 0.41
CA GLN A 227 -10.00 25.58 1.62
C GLN A 227 -10.77 24.33 1.21
N SER A 228 -10.20 23.15 1.54
CA SER A 228 -10.91 21.86 1.40
C SER A 228 -11.39 21.64 -0.04
N GLY A 229 -10.56 21.99 -1.01
CA GLY A 229 -10.96 21.88 -2.39
C GLY A 229 -9.80 22.27 -3.28
N ALA A 230 -9.86 21.80 -4.52
CA ALA A 230 -8.78 22.00 -5.48
C ALA A 230 -9.35 21.75 -6.87
N PRO A 231 -8.84 22.41 -7.90
CA PRO A 231 -9.42 22.22 -9.23
C PRO A 231 -9.10 20.86 -9.85
N ASN A 232 -8.11 20.12 -9.33
CA ASN A 232 -7.77 18.79 -9.79
C ASN A 232 -8.53 17.68 -9.05
N GLY A 233 -9.45 18.00 -8.16
CA GLY A 233 -10.29 16.98 -7.58
C GLY A 233 -11.08 16.19 -8.63
N PRO A 234 -11.00 14.82 -8.57
CA PRO A 234 -11.79 13.95 -9.47
C PRO A 234 -13.26 14.31 -9.67
N TRP A 235 -13.79 15.18 -8.80
CA TRP A 235 -15.17 15.65 -8.90
C TRP A 235 -15.30 17.03 -9.52
N ALA A 236 -14.21 17.79 -9.63
CA ALA A 236 -14.31 19.21 -9.93
C ALA A 236 -14.46 19.51 -11.41
N THR A 237 -14.07 18.58 -12.29
CA THR A 237 -14.20 18.78 -13.72
C THR A 237 -14.77 17.52 -14.37
N VAL A 238 -15.17 17.67 -15.63
CA VAL A 238 -15.77 16.59 -16.38
C VAL A 238 -15.28 16.72 -17.82
N GLY A 239 -15.10 15.57 -18.49
CA GLY A 239 -14.67 15.58 -19.87
C GLY A 239 -15.80 15.96 -20.82
N MET A 240 -15.43 16.36 -22.04
CA MET A 240 -16.42 16.80 -23.01
C MET A 240 -17.46 15.72 -23.29
N GLY A 241 -17.00 14.49 -23.58
CA GLY A 241 -17.91 13.42 -23.94
C GLY A 241 -18.89 13.10 -22.82
N GLU A 242 -18.39 13.07 -21.58
CA GLU A 242 -19.27 12.77 -20.46
C GLU A 242 -20.20 13.94 -20.16
N ALA A 243 -19.74 15.18 -20.34
CA ALA A 243 -20.63 16.34 -20.18
C ALA A 243 -21.76 16.27 -21.21
N ARG A 244 -21.43 15.96 -22.46
CA ARG A 244 -22.45 15.83 -23.49
C ARG A 244 -23.42 14.70 -23.17
N ARG A 245 -22.91 13.61 -22.59
CA ARG A 245 -23.80 12.52 -22.27
C ARG A 245 -24.78 12.94 -21.18
N ARG A 246 -24.26 13.62 -20.16
CA ARG A 246 -25.10 14.04 -19.05
C ARG A 246 -26.15 15.04 -19.49
N ALA A 247 -25.75 16.03 -20.29
CA ALA A 247 -26.71 17.03 -20.77
C ALA A 247 -27.77 16.38 -21.66
N THR A 248 -27.37 15.37 -22.44
CA THR A 248 -28.30 14.67 -23.31
C THR A 248 -29.27 13.82 -22.51
N GLN A 249 -28.80 13.20 -21.43
N GLN A 249 -28.80 13.21 -21.42
CA GLN A 249 -29.69 12.41 -20.59
CA GLN A 249 -29.71 12.41 -20.61
C GLN A 249 -30.69 13.31 -19.86
C GLN A 249 -30.67 13.29 -19.81
N LEU A 250 -30.25 14.49 -19.41
CA LEU A 250 -31.17 15.41 -18.73
C LEU A 250 -32.32 15.77 -19.67
N ALA A 251 -31.99 16.12 -20.92
CA ALA A 251 -33.03 16.45 -21.89
C ALA A 251 -34.06 15.34 -21.98
N HIS A 252 -33.59 14.11 -22.20
CA HIS A 252 -34.49 12.96 -22.27
C HIS A 252 -35.35 12.83 -21.02
N LEU A 253 -34.74 13.01 -19.84
CA LEU A 253 -35.45 12.83 -18.58
C LEU A 253 -36.52 13.88 -18.36
N VAL A 254 -36.47 15.01 -19.08
CA VAL A 254 -37.45 16.08 -18.93
C VAL A 254 -38.33 16.21 -20.17
N GLY A 255 -38.33 15.19 -21.04
CA GLY A 255 -39.24 15.16 -22.16
C GLY A 255 -38.75 15.86 -23.42
N CYS A 256 -37.48 16.14 -23.51
CA CYS A 256 -36.95 16.88 -24.65
C CYS A 256 -36.19 15.94 -25.58
N PRO A 257 -36.20 16.19 -26.91
CA PRO A 257 -35.47 15.39 -27.92
C PRO A 257 -33.95 15.30 -27.70
N ASN A 264 -29.86 17.34 -32.63
CA ASN A 264 -29.29 18.67 -32.85
C ASN A 264 -29.26 19.48 -31.54
N ASP A 265 -28.05 19.94 -31.20
CA ASP A 265 -27.82 20.73 -29.98
C ASP A 265 -28.77 21.91 -29.86
N THR A 266 -29.03 22.60 -30.98
CA THR A 266 -29.91 23.76 -30.93
C THR A 266 -31.31 23.37 -30.46
N GLU A 267 -31.90 22.35 -31.09
CA GLU A 267 -33.25 21.96 -30.73
C GLU A 267 -33.29 21.40 -29.32
N LEU A 268 -32.19 20.80 -28.87
CA LEU A 268 -32.13 20.24 -27.53
C LEU A 268 -32.14 21.36 -26.48
N VAL A 269 -31.23 22.32 -26.61
CA VAL A 269 -31.18 23.43 -25.66
C VAL A 269 -32.47 24.23 -25.70
N ALA A 270 -33.01 24.47 -26.89
CA ALA A 270 -34.27 25.20 -26.99
C ALA A 270 -35.34 24.54 -26.14
N CYS A 271 -35.44 23.22 -26.23
CA CYS A 271 -36.46 22.52 -25.46
C CYS A 271 -36.17 22.60 -23.97
N LEU A 272 -34.89 22.46 -23.60
CA LEU A 272 -34.50 22.67 -22.21
C LEU A 272 -34.89 24.07 -21.73
N ARG A 273 -34.79 25.07 -22.62
CA ARG A 273 -35.06 26.44 -22.20
C ARG A 273 -36.55 26.67 -21.92
N THR A 274 -37.44 25.81 -22.43
CA THR A 274 -38.86 25.94 -22.16
C THR A 274 -39.28 25.32 -20.83
N ARG A 275 -38.37 24.67 -20.14
CA ARG A 275 -38.76 23.92 -18.94
C ARG A 275 -38.63 24.78 -17.70
N PRO A 276 -39.59 24.71 -16.77
CA PRO A 276 -39.41 25.38 -15.48
C PRO A 276 -38.07 24.95 -14.86
N ALA A 277 -37.40 25.93 -14.24
CA ALA A 277 -36.12 25.67 -13.60
C ALA A 277 -36.21 24.50 -12.63
N GLN A 278 -37.29 24.43 -11.85
CA GLN A 278 -37.43 23.37 -10.87
C GLN A 278 -37.46 21.98 -11.52
N VAL A 279 -37.83 21.90 -12.81
CA VAL A 279 -37.91 20.60 -13.46
C VAL A 279 -36.51 20.08 -13.75
N LEU A 280 -35.60 20.95 -14.19
CA LEU A 280 -34.22 20.55 -14.37
C LEU A 280 -33.62 20.10 -13.05
N VAL A 281 -33.83 20.87 -11.99
CA VAL A 281 -33.32 20.49 -10.67
C VAL A 281 -33.80 19.10 -10.27
N ASN A 282 -35.07 18.78 -10.56
CA ASN A 282 -35.63 17.53 -10.06
C ASN A 282 -34.92 16.30 -10.65
N HIS A 283 -34.43 16.37 -11.88
CA HIS A 283 -33.76 15.25 -12.55
C HIS A 283 -32.24 15.35 -12.53
N GLU A 284 -31.70 16.45 -12.02
CA GLU A 284 -30.26 16.72 -12.03
C GLU A 284 -29.42 15.51 -11.61
N TRP A 285 -29.72 14.93 -10.45
N TRP A 285 -29.76 14.93 -10.45
CA TRP A 285 -28.85 13.89 -9.91
CA TRP A 285 -29.03 13.88 -9.77
C TRP A 285 -28.90 12.60 -10.73
C TRP A 285 -29.12 12.53 -10.47
N HIS A 286 -29.98 12.38 -11.46
CA HIS A 286 -30.20 11.09 -12.11
C HIS A 286 -29.36 10.91 -13.37
N VAL A 287 -28.57 11.90 -13.78
CA VAL A 287 -27.66 11.69 -14.90
C VAL A 287 -26.30 11.21 -14.45
N LEU A 288 -26.08 11.02 -13.16
CA LEU A 288 -24.82 10.48 -12.70
C LEU A 288 -24.71 9.02 -13.13
N PRO A 289 -23.55 8.60 -13.63
CA PRO A 289 -23.42 7.24 -14.19
C PRO A 289 -23.53 6.13 -13.16
N GLN A 290 -23.43 6.40 -11.87
CA GLN A 290 -23.62 5.37 -10.88
C GLN A 290 -23.93 6.02 -9.53
N GLU A 291 -24.44 5.20 -8.61
CA GLU A 291 -24.65 5.64 -7.24
C GLU A 291 -23.30 6.00 -6.62
N SER A 292 -23.23 7.16 -5.98
CA SER A 292 -21.95 7.64 -5.48
C SER A 292 -22.15 8.66 -4.38
N VAL A 293 -21.06 8.98 -3.70
CA VAL A 293 -21.00 10.20 -2.91
C VAL A 293 -19.85 11.03 -3.46
N PHE A 294 -19.94 12.34 -3.23
CA PHE A 294 -18.92 13.31 -3.66
C PHE A 294 -18.75 13.32 -5.17
N ARG A 295 -19.85 13.14 -5.91
CA ARG A 295 -19.88 13.30 -7.36
C ARG A 295 -21.09 14.16 -7.71
N PHE A 296 -20.94 15.04 -8.69
CA PHE A 296 -21.94 16.06 -9.01
C PHE A 296 -22.14 16.12 -10.52
N SER A 297 -23.41 16.27 -10.94
CA SER A 297 -23.72 16.03 -12.35
C SER A 297 -23.16 17.12 -13.25
N PHE A 298 -23.36 18.39 -12.88
CA PHE A 298 -23.01 19.51 -13.75
C PHE A 298 -21.90 20.31 -13.10
N VAL A 299 -20.69 20.12 -13.61
CA VAL A 299 -19.48 20.73 -13.07
C VAL A 299 -18.68 21.34 -14.23
N PRO A 300 -17.61 22.10 -13.96
CA PRO A 300 -16.80 22.66 -15.05
C PRO A 300 -16.35 21.60 -16.04
N VAL A 301 -16.36 21.96 -17.32
CA VAL A 301 -15.97 21.04 -18.39
C VAL A 301 -14.63 21.46 -18.95
N VAL A 302 -13.77 20.47 -19.21
CA VAL A 302 -12.48 20.70 -19.88
C VAL A 302 -12.72 20.64 -21.38
N ASP A 303 -12.61 21.77 -22.06
CA ASP A 303 -12.93 21.80 -23.48
C ASP A 303 -12.01 22.72 -24.27
N GLY A 304 -10.87 23.10 -23.69
CA GLY A 304 -9.92 23.95 -24.36
C GLY A 304 -10.16 25.44 -24.20
N ASP A 305 -11.36 25.86 -23.78
CA ASP A 305 -11.69 27.28 -23.68
C ASP A 305 -11.30 27.84 -22.33
N PHE A 306 -12.22 27.86 -21.37
CA PHE A 306 -11.90 28.33 -20.03
C PHE A 306 -10.65 27.63 -19.48
N LEU A 307 -10.61 26.30 -19.57
CA LEU A 307 -9.43 25.51 -19.24
C LEU A 307 -8.87 24.92 -20.53
N SER A 308 -7.67 25.35 -20.93
CA SER A 308 -7.07 24.86 -22.16
C SER A 308 -6.62 23.41 -22.05
N ASP A 309 -6.43 22.89 -20.83
CA ASP A 309 -6.13 21.49 -20.60
C ASP A 309 -6.75 21.08 -19.26
N THR A 310 -6.53 19.83 -18.85
CA THR A 310 -6.98 19.43 -17.52
C THR A 310 -6.28 20.29 -16.47
N PRO A 311 -6.91 20.54 -15.33
CA PRO A 311 -6.21 21.25 -14.25
C PRO A 311 -4.92 20.56 -13.84
N GLU A 312 -4.90 19.23 -13.85
N GLU A 312 -4.90 19.23 -13.83
CA GLU A 312 -3.67 18.50 -13.55
CA GLU A 312 -3.66 18.50 -13.55
C GLU A 312 -2.56 18.87 -14.53
C GLU A 312 -2.56 18.90 -14.53
N ALA A 313 -2.86 18.81 -15.83
CA ALA A 313 -1.87 19.20 -16.83
C ALA A 313 -1.44 20.65 -16.63
N LEU A 314 -2.40 21.56 -16.47
CA LEU A 314 -2.09 22.98 -16.30
C LEU A 314 -1.26 23.23 -15.06
N ILE A 315 -1.49 22.47 -14.00
CA ILE A 315 -0.72 22.63 -12.78
C ILE A 315 0.73 22.21 -13.01
N ASN A 316 0.95 21.08 -13.70
CA ASN A 316 2.30 20.61 -13.93
C ASN A 316 3.10 21.54 -14.84
N ALA A 317 2.45 22.19 -15.81
CA ALA A 317 3.13 23.03 -16.78
C ALA A 317 3.38 24.44 -16.29
N GLY A 318 2.79 24.85 -15.17
CA GLY A 318 2.72 26.26 -14.85
C GLY A 318 3.98 26.78 -14.19
N ASP A 319 4.28 28.04 -14.48
CA ASP A 319 5.31 28.80 -13.77
C ASP A 319 4.60 29.67 -12.73
N PHE A 320 4.78 29.34 -11.45
CA PHE A 320 4.02 29.98 -10.38
C PHE A 320 4.91 30.85 -9.49
N HIS A 321 6.03 31.37 -10.02
CA HIS A 321 6.78 32.36 -9.27
C HIS A 321 5.95 33.62 -9.10
N GLY A 322 6.02 34.21 -7.92
CA GLY A 322 5.24 35.39 -7.61
C GLY A 322 3.85 35.10 -7.09
N LEU A 323 3.42 33.85 -7.09
CA LEU A 323 2.14 33.47 -6.52
C LEU A 323 2.33 33.01 -5.08
N GLN A 324 1.48 33.52 -4.20
CA GLN A 324 1.33 33.01 -2.84
C GLN A 324 -0.06 32.40 -2.72
N VAL A 325 -0.15 31.19 -2.18
CA VAL A 325 -1.42 30.52 -1.94
C VAL A 325 -1.45 30.04 -0.51
N LEU A 326 -2.64 30.13 0.10
CA LEU A 326 -2.95 29.49 1.37
C LEU A 326 -3.90 28.34 1.07
N VAL A 327 -3.49 27.10 1.38
CA VAL A 327 -4.35 25.93 1.18
C VAL A 327 -4.45 25.15 2.49
N GLY A 328 -5.50 24.35 2.60
CA GLY A 328 -5.64 23.51 3.78
C GLY A 328 -6.91 22.68 3.73
N VAL A 329 -7.10 21.93 4.82
CA VAL A 329 -8.18 20.94 4.92
C VAL A 329 -8.62 20.87 6.37
N VAL A 330 -9.80 20.27 6.60
CA VAL A 330 -10.23 19.92 7.95
C VAL A 330 -9.72 18.53 8.31
N LYS A 331 -9.82 18.18 9.60
CA LYS A 331 -9.28 16.91 10.08
C LYS A 331 -10.01 15.71 9.49
N ASP A 332 -11.30 15.85 9.17
CA ASP A 332 -12.11 14.71 8.74
C ASP A 332 -12.91 15.06 7.49
N GLU A 333 -12.22 15.21 6.35
CA GLU A 333 -12.86 15.65 5.12
C GLU A 333 -13.97 14.70 4.65
N GLY A 334 -13.83 13.39 4.90
CA GLY A 334 -14.75 12.42 4.33
C GLY A 334 -16.04 12.13 5.10
N SER A 335 -16.03 12.34 6.42
CA SER A 335 -17.12 11.83 7.27
C SER A 335 -18.48 12.37 6.83
N TYR A 336 -18.56 13.68 6.57
CA TYR A 336 -19.83 14.33 6.22
C TYR A 336 -20.51 13.61 5.05
N PHE A 337 -19.74 13.27 4.02
CA PHE A 337 -20.33 12.71 2.81
C PHE A 337 -20.86 11.29 3.01
N LEU A 338 -20.44 10.57 4.05
CA LEU A 338 -20.78 9.15 4.11
C LEU A 338 -22.27 8.93 4.37
N VAL A 339 -22.95 9.88 5.02
CA VAL A 339 -24.38 9.72 5.28
C VAL A 339 -25.25 9.96 4.05
N TYR A 340 -24.68 10.34 2.91
CA TYR A 340 -25.46 10.52 1.70
C TYR A 340 -25.30 9.37 0.72
N GLY A 341 -25.01 8.16 1.21
CA GLY A 341 -24.97 7.02 0.30
C GLY A 341 -24.19 5.80 0.76
N ALA A 342 -23.25 5.99 1.66
CA ALA A 342 -22.46 4.86 2.12
C ALA A 342 -23.31 3.90 2.93
N PRO A 343 -23.40 2.62 2.56
CA PRO A 343 -24.20 1.67 3.34
C PRO A 343 -23.75 1.60 4.79
N GLY A 344 -24.72 1.63 5.69
CA GLY A 344 -24.48 1.52 7.10
C GLY A 344 -24.30 2.83 7.84
N PHE A 345 -24.25 3.96 7.14
CA PHE A 345 -23.94 5.23 7.79
C PHE A 345 -25.18 6.04 8.11
N SER A 346 -25.14 6.72 9.25
CA SER A 346 -26.21 7.64 9.63
C SER A 346 -25.65 8.58 10.67
N LYS A 347 -26.08 9.84 10.63
CA LYS A 347 -25.67 10.76 11.68
C LYS A 347 -26.22 10.33 13.05
N ASP A 348 -27.25 9.49 13.08
CA ASP A 348 -27.98 9.20 14.30
C ASP A 348 -27.60 7.87 14.94
N ASN A 349 -26.53 7.23 14.48
CA ASN A 349 -25.94 6.16 15.28
C ASN A 349 -24.43 6.20 15.10
N GLU A 350 -23.76 5.18 15.61
CA GLU A 350 -22.31 5.17 15.63
C GLU A 350 -21.71 4.83 14.27
N SER A 351 -22.53 4.42 13.32
CA SER A 351 -22.07 4.04 11.98
C SER A 351 -20.95 2.99 12.04
N LEU A 352 -21.07 2.05 12.98
CA LEU A 352 -20.12 0.96 13.14
C LEU A 352 -20.40 -0.08 12.06
N ILE A 353 -19.77 0.10 10.90
CA ILE A 353 -20.16 -0.68 9.73
C ILE A 353 -19.43 -2.02 9.70
N SER A 354 -19.95 -2.91 8.86
CA SER A 354 -19.40 -4.24 8.58
C SER A 354 -18.32 -4.16 7.50
N ARG A 355 -17.47 -5.20 7.47
CA ARG A 355 -16.52 -5.34 6.39
C ARG A 355 -17.23 -5.35 5.05
N ALA A 356 -18.37 -6.04 4.97
CA ALA A 356 -19.15 -6.05 3.73
C ALA A 356 -19.62 -4.64 3.36
N GLU A 357 -20.15 -3.90 4.33
CA GLU A 357 -20.58 -2.52 4.07
C GLU A 357 -19.39 -1.66 3.65
N PHE A 358 -18.27 -1.82 4.34
CA PHE A 358 -17.04 -1.11 3.98
C PHE A 358 -16.68 -1.34 2.51
N LEU A 359 -16.70 -2.60 2.07
CA LEU A 359 -16.31 -2.91 0.70
C LEU A 359 -17.33 -2.35 -0.28
N ALA A 360 -18.62 -2.49 0.02
CA ALA A 360 -19.64 -1.80 -0.76
C ALA A 360 -19.40 -0.29 -0.74
N GLY A 361 -19.03 0.25 0.43
CA GLY A 361 -18.80 1.69 0.53
C GLY A 361 -17.65 2.17 -0.35
N VAL A 362 -16.66 1.32 -0.58
CA VAL A 362 -15.50 1.72 -1.38
C VAL A 362 -15.91 1.99 -2.82
N ARG A 363 -16.85 1.21 -3.35
CA ARG A 363 -17.31 1.45 -4.72
C ARG A 363 -18.24 2.66 -4.81
N VAL A 364 -18.90 3.02 -3.70
CA VAL A 364 -19.65 4.29 -3.66
C VAL A 364 -18.70 5.47 -3.55
N GLY A 365 -17.71 5.38 -2.67
CA GLY A 365 -16.79 6.48 -2.47
C GLY A 365 -15.70 6.61 -3.51
N VAL A 366 -15.44 5.57 -4.31
CA VAL A 366 -14.48 5.66 -5.40
C VAL A 366 -15.19 5.14 -6.64
N PRO A 367 -16.19 5.87 -7.13
CA PRO A 367 -17.02 5.37 -8.22
C PRO A 367 -16.28 5.35 -9.55
N GLN A 368 -16.80 4.53 -10.45
CA GLN A 368 -16.34 4.51 -11.84
C GLN A 368 -14.87 4.13 -12.01
N VAL A 369 -14.33 3.29 -11.13
CA VAL A 369 -13.00 2.73 -11.37
C VAL A 369 -13.14 1.23 -11.51
N SER A 370 -12.11 0.63 -12.12
CA SER A 370 -12.08 -0.82 -12.29
C SER A 370 -12.06 -1.54 -10.95
N ASP A 371 -12.39 -2.82 -10.99
CA ASP A 371 -12.33 -3.64 -9.78
C ASP A 371 -10.91 -3.71 -9.24
N LEU A 372 -9.93 -3.74 -10.15
CA LEU A 372 -8.54 -3.78 -9.71
C LEU A 372 -8.21 -2.53 -8.90
N ALA A 373 -8.61 -1.35 -9.40
CA ALA A 373 -8.39 -0.11 -8.66
C ALA A 373 -9.06 -0.14 -7.31
N ALA A 374 -10.32 -0.61 -7.26
CA ALA A 374 -11.00 -0.75 -5.98
C ALA A 374 -10.21 -1.66 -5.04
N GLU A 375 -9.75 -2.80 -5.57
CA GLU A 375 -8.95 -3.73 -4.78
C GLU A 375 -7.74 -3.03 -4.20
N ALA A 376 -7.05 -2.23 -5.02
CA ALA A 376 -5.92 -1.44 -4.53
C ALA A 376 -6.34 -0.50 -3.41
N VAL A 377 -7.52 0.11 -3.50
CA VAL A 377 -7.98 0.97 -2.41
C VAL A 377 -8.18 0.15 -1.14
N VAL A 378 -8.86 -0.99 -1.28
CA VAL A 378 -9.12 -1.87 -0.15
C VAL A 378 -7.83 -2.34 0.50
N LEU A 379 -6.80 -2.61 -0.32
CA LEU A 379 -5.52 -3.03 0.24
C LEU A 379 -4.91 -1.94 1.09
N HIS A 380 -4.78 -0.73 0.53
N HIS A 380 -4.80 -0.73 0.56
CA HIS A 380 -4.11 0.35 1.26
CA HIS A 380 -4.08 0.31 1.29
C HIS A 380 -4.84 0.69 2.55
C HIS A 380 -4.84 0.82 2.49
N TYR A 381 -6.17 0.63 2.54
CA TYR A 381 -6.96 1.14 3.66
C TYR A 381 -7.43 0.07 4.62
N THR A 382 -7.12 -1.19 4.38
CA THR A 382 -7.39 -2.22 5.35
C THR A 382 -6.23 -2.31 6.33
N ASP A 383 -6.53 -2.38 7.62
CA ASP A 383 -5.58 -2.87 8.60
C ASP A 383 -5.68 -4.39 8.63
N TRP A 384 -4.66 -5.07 8.09
CA TRP A 384 -4.77 -6.52 7.97
C TRP A 384 -4.54 -7.25 9.29
N LEU A 385 -4.21 -6.53 10.36
CA LEU A 385 -4.29 -7.10 11.70
C LEU A 385 -5.70 -6.99 12.29
N HIS A 386 -6.59 -6.20 11.69
CA HIS A 386 -7.93 -5.93 12.19
C HIS A 386 -8.89 -5.74 11.04
N PRO A 387 -8.97 -6.68 10.09
CA PRO A 387 -9.67 -6.38 8.82
C PRO A 387 -11.17 -6.13 8.98
N GLU A 388 -11.77 -6.50 10.10
CA GLU A 388 -13.22 -6.47 10.23
C GLU A 388 -13.70 -5.59 11.37
N ASP A 389 -12.81 -4.83 12.00
CA ASP A 389 -13.20 -4.02 13.16
C ASP A 389 -14.08 -2.85 12.71
N PRO A 390 -15.31 -2.72 13.21
CA PRO A 390 -16.22 -1.68 12.68
C PRO A 390 -15.70 -0.25 12.84
N ALA A 391 -15.23 0.13 14.02
CA ALA A 391 -14.73 1.48 14.21
C ALA A 391 -13.62 1.82 13.21
N ARG A 392 -12.67 0.91 13.00
CA ARG A 392 -11.59 1.16 12.06
C ARG A 392 -12.10 1.25 10.63
N LEU A 393 -13.09 0.43 10.27
CA LEU A 393 -13.67 0.51 8.93
C LEU A 393 -14.41 1.83 8.72
N ARG A 394 -15.15 2.29 9.71
CA ARG A 394 -15.79 3.60 9.61
C ARG A 394 -14.74 4.68 9.36
N GLU A 395 -13.69 4.70 10.18
CA GLU A 395 -12.65 5.71 9.98
C GLU A 395 -11.91 5.49 8.67
N ALA A 396 -11.74 4.24 8.26
CA ALA A 396 -11.00 4.00 7.01
C ALA A 396 -11.78 4.52 5.81
N LEU A 397 -13.09 4.24 5.76
CA LEU A 397 -13.87 4.70 4.61
C LEU A 397 -14.01 6.23 4.60
N SER A 398 -14.00 6.88 5.77
CA SER A 398 -13.99 8.35 5.77
C SER A 398 -12.68 8.87 5.18
N ASP A 399 -11.56 8.23 5.55
CA ASP A 399 -10.26 8.49 4.92
C ASP A 399 -10.30 8.26 3.41
N VAL A 400 -10.90 7.16 2.96
CA VAL A 400 -10.93 6.92 1.52
C VAL A 400 -11.58 8.09 0.82
N VAL A 401 -12.78 8.46 1.27
CA VAL A 401 -13.54 9.53 0.63
C VAL A 401 -12.83 10.88 0.78
N GLY A 402 -12.29 11.15 1.97
CA GLY A 402 -11.65 12.43 2.21
C GLY A 402 -10.31 12.59 1.50
N ASP A 403 -9.54 11.50 1.43
CA ASP A 403 -8.24 11.55 0.75
C ASP A 403 -8.42 11.66 -0.75
N HIS A 404 -9.21 10.76 -1.32
CA HIS A 404 -9.52 10.76 -2.75
C HIS A 404 -10.03 12.13 -3.22
N ASN A 405 -10.94 12.72 -2.48
CA ASN A 405 -11.62 13.88 -3.02
C ASN A 405 -10.99 15.21 -2.62
N VAL A 406 -10.37 15.31 -1.45
CA VAL A 406 -9.94 16.62 -1.00
C VAL A 406 -8.46 16.63 -0.65
N VAL A 407 -8.06 15.78 0.31
CA VAL A 407 -6.73 15.90 0.90
C VAL A 407 -5.64 15.69 -0.16
N CYS A 408 -5.78 14.64 -0.97
CA CYS A 408 -4.66 14.37 -1.86
C CYS A 408 -4.66 15.30 -3.06
N PRO A 409 -5.83 15.66 -3.62
CA PRO A 409 -5.81 16.73 -4.64
C PRO A 409 -5.22 18.03 -4.11
N VAL A 410 -5.51 18.38 -2.85
CA VAL A 410 -4.93 19.59 -2.28
C VAL A 410 -3.43 19.41 -2.08
N ALA A 411 -3.02 18.24 -1.58
CA ALA A 411 -1.59 17.94 -1.45
C ALA A 411 -0.89 18.02 -2.79
N GLN A 412 -1.50 17.51 -3.84
CA GLN A 412 -0.86 17.56 -5.13
C GLN A 412 -0.71 18.99 -5.62
N LEU A 413 -1.80 19.75 -5.55
CA LEU A 413 -1.74 21.17 -5.90
C LEU A 413 -0.60 21.86 -5.15
N ALA A 414 -0.56 21.67 -3.83
CA ALA A 414 0.44 22.37 -3.01
C ALA A 414 1.86 22.03 -3.44
N GLY A 415 2.17 20.72 -3.59
CA GLY A 415 3.52 20.32 -3.92
C GLY A 415 3.96 20.80 -5.28
N ARG A 416 3.09 20.69 -6.28
CA ARG A 416 3.44 21.16 -7.61
C ARG A 416 3.60 22.68 -7.63
N LEU A 417 2.69 23.41 -6.99
CA LEU A 417 2.81 24.88 -6.99
C LEU A 417 4.10 25.31 -6.29
N ALA A 418 4.40 24.70 -5.14
CA ALA A 418 5.63 25.04 -4.41
C ALA A 418 6.87 24.74 -5.25
N ALA A 419 6.96 23.53 -5.80
CA ALA A 419 8.13 23.14 -6.58
C ALA A 419 8.27 23.96 -7.86
N GLN A 420 7.19 24.62 -8.30
CA GLN A 420 7.21 25.41 -9.52
C GLN A 420 7.10 26.91 -9.25
N GLY A 421 7.56 27.33 -8.08
CA GLY A 421 7.86 28.72 -7.83
C GLY A 421 6.94 29.45 -6.90
N ALA A 422 5.82 28.85 -6.50
CA ALA A 422 4.87 29.53 -5.64
C ALA A 422 5.30 29.44 -4.18
N ARG A 423 4.87 30.40 -3.37
CA ARG A 423 5.00 30.32 -1.92
C ARG A 423 3.67 29.81 -1.36
N VAL A 424 3.71 28.64 -0.71
CA VAL A 424 2.51 27.93 -0.30
C VAL A 424 2.50 27.84 1.22
N TYR A 425 1.36 28.14 1.84
CA TYR A 425 1.12 27.87 3.25
C TYR A 425 -0.01 26.85 3.38
N ALA A 426 0.20 25.82 4.20
CA ALA A 426 -0.75 24.72 4.34
C ALA A 426 -1.15 24.53 5.81
N TYR A 427 -2.42 24.16 6.01
CA TYR A 427 -2.96 23.98 7.36
C TYR A 427 -3.86 22.76 7.39
N VAL A 428 -3.98 22.16 8.57
CA VAL A 428 -5.08 21.25 8.89
C VAL A 428 -5.89 21.89 10.00
N PHE A 429 -7.20 21.98 9.79
CA PHE A 429 -8.09 22.60 10.78
C PHE A 429 -8.65 21.51 11.68
N GLU A 430 -8.29 21.55 12.96
CA GLU A 430 -8.50 20.43 13.84
C GLU A 430 -9.39 20.74 15.03
N HIS A 431 -10.08 21.89 15.04
CA HIS A 431 -10.96 22.19 16.16
C HIS A 431 -12.38 21.78 15.84
N ARG A 432 -12.97 21.00 16.74
CA ARG A 432 -14.38 20.65 16.66
C ARG A 432 -15.20 21.71 17.40
N ALA A 433 -16.09 22.39 16.68
CA ALA A 433 -16.87 23.46 17.28
C ALA A 433 -17.69 22.93 18.45
N SER A 434 -17.61 23.63 19.59
CA SER A 434 -18.45 23.29 20.73
C SER A 434 -19.93 23.30 20.36
N THR A 435 -20.30 23.99 19.28
CA THR A 435 -21.69 24.06 18.85
C THR A 435 -22.03 23.03 17.80
N LEU A 436 -21.10 22.18 17.42
CA LEU A 436 -21.32 21.29 16.30
C LEU A 436 -22.48 20.33 16.58
N SER A 437 -23.45 20.31 15.66
CA SER A 437 -24.62 19.47 15.76
C SER A 437 -24.46 18.08 15.13
N TRP A 438 -23.40 17.85 14.34
CA TRP A 438 -23.13 16.49 13.85
C TRP A 438 -22.55 15.63 14.96
N PRO A 439 -22.66 14.31 14.87
CA PRO A 439 -22.19 13.46 15.97
C PRO A 439 -20.68 13.47 16.11
N LEU A 440 -20.24 12.96 17.26
CA LEU A 440 -18.82 12.94 17.60
C LEU A 440 -17.99 12.13 16.62
N TRP A 441 -18.56 11.06 16.06
CA TRP A 441 -17.77 10.17 15.22
C TRP A 441 -17.36 10.83 13.91
N MET A 442 -18.06 11.90 13.50
CA MET A 442 -17.67 12.65 12.32
C MET A 442 -16.47 13.57 12.54
N GLY A 443 -16.02 13.76 13.78
CA GLY A 443 -14.82 14.54 14.03
C GLY A 443 -15.00 16.02 13.66
N VAL A 444 -14.02 16.54 12.92
CA VAL A 444 -14.09 17.89 12.35
C VAL A 444 -14.50 17.76 10.88
N PRO A 445 -15.78 17.88 10.54
CA PRO A 445 -16.22 17.58 9.17
C PRO A 445 -15.98 18.74 8.20
N HIS A 446 -16.01 18.36 6.92
CA HIS A 446 -16.00 19.27 5.78
C HIS A 446 -16.90 20.47 6.01
N GLY A 447 -16.36 21.67 5.78
CA GLY A 447 -17.14 22.89 5.86
C GLY A 447 -17.07 23.60 7.19
N TYR A 448 -16.66 22.94 8.26
CA TYR A 448 -16.82 23.49 9.60
C TYR A 448 -15.60 24.26 10.09
N GLU A 449 -14.71 24.65 9.18
CA GLU A 449 -13.75 25.70 9.47
C GLU A 449 -14.27 27.08 9.06
N ILE A 450 -15.26 27.15 8.17
CA ILE A 450 -15.70 28.41 7.59
C ILE A 450 -16.23 29.37 8.66
N GLU A 451 -17.15 28.89 9.50
CA GLU A 451 -17.72 29.75 10.53
C GLU A 451 -16.65 30.41 11.38
N PHE A 452 -15.49 29.76 11.53
CA PHE A 452 -14.39 30.35 12.26
C PHE A 452 -13.61 31.36 11.42
N ILE A 453 -13.49 31.11 10.11
CA ILE A 453 -12.77 32.06 9.24
C ILE A 453 -13.55 33.37 9.15
N PHE A 454 -14.88 33.29 9.15
CA PHE A 454 -15.75 34.44 9.06
C PHE A 454 -16.07 35.03 10.42
N GLY A 455 -15.44 34.51 11.48
CA GLY A 455 -15.61 35.08 12.80
C GLY A 455 -17.01 34.98 13.36
N ILE A 456 -17.81 34.01 12.90
CA ILE A 456 -19.15 33.81 13.46
C ILE A 456 -19.12 33.66 14.98
N PRO A 457 -18.14 32.98 15.60
CA PRO A 457 -18.15 32.91 17.06
C PRO A 457 -18.26 34.24 17.78
N LEU A 458 -17.95 35.36 17.11
CA LEU A 458 -18.01 36.66 17.77
C LEU A 458 -19.44 37.14 17.97
N ASP A 459 -20.38 36.64 17.15
CA ASP A 459 -21.81 36.87 17.30
C ASP A 459 -22.24 36.48 18.71
N PRO A 460 -22.67 37.44 19.53
CA PRO A 460 -23.05 37.11 20.92
C PRO A 460 -24.25 36.20 21.00
N SER A 461 -25.20 36.34 20.07
CA SER A 461 -26.39 35.50 20.07
C SER A 461 -26.10 34.02 19.81
N ARG A 462 -24.86 33.65 19.52
CA ARG A 462 -24.52 32.25 19.34
C ARG A 462 -23.70 31.78 20.54
N ASN A 463 -23.55 30.46 20.66
CA ASN A 463 -23.20 29.86 21.94
C ASN A 463 -21.74 29.42 22.02
N TYR A 464 -20.84 30.15 21.37
CA TYR A 464 -19.44 29.75 21.36
C TYR A 464 -18.76 30.14 22.66
N THR A 465 -17.65 29.45 22.95
CA THR A 465 -16.91 29.72 24.18
C THR A 465 -15.96 30.90 24.02
N ALA A 466 -15.49 31.41 25.15
CA ALA A 466 -14.53 32.51 25.12
C ALA A 466 -13.28 32.15 24.30
N GLU A 467 -12.70 30.96 24.54
CA GLU A 467 -11.51 30.59 23.74
C GLU A 467 -11.85 30.41 22.27
N GLU A 468 -13.07 29.98 21.96
CA GLU A 468 -13.43 29.84 20.55
C GLU A 468 -13.45 31.19 19.84
N LYS A 469 -13.89 32.25 20.54
CA LYS A 469 -13.85 33.60 19.97
C LYS A 469 -12.42 34.06 19.72
N ILE A 470 -11.54 33.88 20.70
CA ILE A 470 -10.13 34.19 20.50
C ILE A 470 -9.57 33.42 19.30
N PHE A 471 -9.94 32.14 19.19
CA PHE A 471 -9.45 31.31 18.08
C PHE A 471 -9.91 31.89 16.74
N ALA A 472 -11.20 32.24 16.64
CA ALA A 472 -11.71 32.87 15.43
C ALA A 472 -10.92 34.14 15.10
N GLN A 473 -10.50 34.88 16.12
CA GLN A 473 -9.76 36.12 15.86
C GLN A 473 -8.37 35.83 15.32
N ARG A 474 -7.69 34.83 15.87
CA ARG A 474 -6.43 34.35 15.28
C ARG A 474 -6.59 33.99 13.81
N LEU A 475 -7.66 33.24 13.49
CA LEU A 475 -7.84 32.75 12.13
C LEU A 475 -8.08 33.91 11.17
N MET A 476 -8.99 34.82 11.54
CA MET A 476 -9.23 36.02 10.75
C MET A 476 -7.94 36.80 10.54
N ARG A 477 -7.08 36.87 11.55
CA ARG A 477 -5.82 37.57 11.41
C ARG A 477 -4.88 36.86 10.43
N TYR A 478 -4.75 35.52 10.54
CA TYR A 478 -3.95 34.78 9.55
C TYR A 478 -4.46 35.08 8.13
N TRP A 479 -5.77 34.94 7.91
CA TRP A 479 -6.33 35.06 6.57
C TRP A 479 -6.14 36.46 6.00
N ALA A 480 -6.32 37.49 6.84
CA ALA A 480 -6.20 38.85 6.35
C ALA A 480 -4.73 39.27 6.24
N ASN A 481 -3.88 38.79 7.15
CA ASN A 481 -2.44 38.92 6.95
C ASN A 481 -2.03 38.37 5.59
N PHE A 482 -2.50 37.16 5.27
CA PHE A 482 -2.18 36.58 3.97
C PHE A 482 -2.70 37.46 2.84
N ALA A 483 -3.90 38.02 2.99
CA ALA A 483 -4.45 38.88 1.94
C ALA A 483 -3.60 40.13 1.75
N ARG A 484 -3.08 40.68 2.85
CA ARG A 484 -2.36 41.94 2.80
C ARG A 484 -0.95 41.77 2.27
N THR A 485 -0.29 40.65 2.59
CA THR A 485 1.14 40.47 2.36
C THR A 485 1.54 39.17 1.69
N GLY A 486 0.60 38.24 1.48
CA GLY A 486 1.02 36.94 1.02
C GLY A 486 1.64 36.09 2.11
N ASP A 487 1.46 36.45 3.37
CA ASP A 487 2.10 35.73 4.46
C ASP A 487 1.21 35.81 5.69
N PRO A 488 0.73 34.67 6.21
CA PRO A 488 -0.19 34.73 7.36
C PRO A 488 0.48 35.10 8.68
N ASN A 489 1.81 35.11 8.75
CA ASN A 489 2.53 35.25 10.01
C ASN A 489 2.52 36.69 10.51
N GLU A 490 2.66 36.82 11.85
CA GLU A 490 2.79 38.06 12.62
C GLU A 490 4.22 38.27 13.13
N PRO A 491 4.53 39.38 13.79
CA PRO A 491 5.86 39.52 14.41
C PRO A 491 6.17 38.35 15.32
N PRO A 494 7.49 38.01 15.50
CA PRO A 494 7.87 36.75 16.17
C PRO A 494 7.48 36.78 17.64
N LYS A 495 8.07 35.92 18.50
CA LYS A 495 7.55 35.57 19.84
C LYS A 495 6.62 34.38 19.70
N ALA A 496 5.65 34.53 18.81
CA ALA A 496 4.64 33.56 18.45
C ALA A 496 5.20 32.51 17.49
N PRO A 497 4.71 31.28 17.57
CA PRO A 497 5.22 30.22 16.69
C PRO A 497 4.91 30.54 15.24
N GLN A 498 5.90 30.32 14.37
CA GLN A 498 5.83 30.77 12.99
C GLN A 498 5.28 29.68 12.09
N TRP A 499 4.46 30.10 11.12
CA TRP A 499 3.87 29.22 10.14
C TRP A 499 4.82 29.12 8.96
N PRO A 500 5.50 27.99 8.76
CA PRO A 500 6.48 27.90 7.70
C PRO A 500 5.83 27.55 6.38
N PRO A 501 6.43 27.96 5.26
CA PRO A 501 5.92 27.56 3.94
C PRO A 501 5.94 26.05 3.74
N TYR A 502 4.92 25.57 3.03
CA TYR A 502 4.87 24.19 2.57
C TYR A 502 5.76 24.02 1.35
N THR A 503 6.61 22.99 1.35
CA THR A 503 7.41 22.64 0.18
C THR A 503 7.22 21.15 -0.17
N ALA A 504 7.55 20.81 -1.43
CA ALA A 504 7.39 19.43 -1.89
C ALA A 504 8.24 18.46 -1.07
N GLY A 505 9.44 18.88 -0.67
CA GLY A 505 10.29 18.05 0.16
C GLY A 505 9.83 17.96 1.61
N ALA A 506 9.91 19.09 2.33
CA ALA A 506 9.66 19.06 3.77
C ALA A 506 8.18 18.87 4.09
N GLN A 507 7.29 19.31 3.19
CA GLN A 507 5.84 19.08 3.31
C GLN A 507 5.25 19.62 4.62
N GLN A 508 5.71 20.78 5.06
CA GLN A 508 5.31 21.28 6.36
C GLN A 508 3.99 22.03 6.29
N TYR A 509 3.16 21.83 7.32
CA TYR A 509 1.90 22.53 7.49
C TYR A 509 1.70 22.76 8.98
N VAL A 510 0.72 23.59 9.35
CA VAL A 510 0.39 23.80 10.75
C VAL A 510 -1.00 23.22 11.02
N SER A 511 -1.21 22.82 12.26
CA SER A 511 -2.55 22.51 12.74
C SER A 511 -3.16 23.78 13.32
N LEU A 512 -4.45 23.97 13.05
CA LEU A 512 -5.20 25.11 13.54
C LEU A 512 -6.20 24.59 14.57
N ASP A 513 -5.99 24.94 15.83
CA ASP A 513 -6.93 24.63 16.90
C ASP A 513 -6.69 25.61 18.04
N LEU A 514 -7.25 25.32 19.23
CA LEU A 514 -7.12 26.22 20.37
C LEU A 514 -5.70 26.28 20.90
N ARG A 515 -4.86 25.32 20.58
CA ARG A 515 -3.47 25.34 20.99
C ARG A 515 -2.68 26.25 20.06
N PRO A 516 -1.50 26.71 20.49
CA PRO A 516 -0.62 27.44 19.56
C PRO A 516 -0.29 26.58 18.35
N LEU A 517 0.10 27.24 17.26
CA LEU A 517 0.50 26.55 16.04
C LEU A 517 1.50 25.43 16.34
N GLU A 518 1.23 24.25 15.79
CA GLU A 518 2.15 23.12 15.83
C GLU A 518 2.49 22.74 14.40
N VAL A 519 3.77 22.83 14.06
CA VAL A 519 4.24 22.47 12.72
C VAL A 519 4.35 20.95 12.62
N ARG A 520 3.79 20.39 11.54
CA ARG A 520 3.88 18.96 11.25
C ARG A 520 4.28 18.77 9.79
N ARG A 521 4.58 17.51 9.45
CA ARG A 521 5.09 17.12 8.13
C ARG A 521 4.11 16.16 7.46
N GLY A 522 3.82 16.40 6.18
CA GLY A 522 3.05 15.44 5.40
C GLY A 522 1.52 15.52 5.47
N LEU A 523 0.90 15.88 4.36
CA LEU A 523 -0.57 15.82 4.24
C LEU A 523 -0.94 14.41 3.80
N ARG A 524 -0.99 13.50 4.76
N ARG A 524 -0.98 13.51 4.77
CA ARG A 524 -1.31 12.10 4.47
CA ARG A 524 -1.27 12.09 4.53
C ARG A 524 -0.41 11.57 3.35
C ARG A 524 -0.41 11.58 3.36
N ALA A 525 0.90 11.73 3.54
CA ALA A 525 1.84 11.48 2.45
C ALA A 525 1.80 10.03 1.98
N GLN A 526 1.62 9.07 2.89
CA GLN A 526 1.53 7.67 2.49
C GLN A 526 0.27 7.42 1.68
N ALA A 527 -0.87 7.90 2.17
CA ALA A 527 -2.11 7.68 1.43
C ALA A 527 -2.14 8.45 0.13
N CYS A 528 -1.53 9.63 0.10
CA CYS A 528 -1.62 10.49 -1.07
C CYS A 528 -0.64 10.06 -2.16
N ALA A 529 0.43 9.35 -1.78
CA ALA A 529 1.26 8.69 -2.78
C ALA A 529 0.45 7.68 -3.57
N PHE A 530 -0.42 6.93 -2.88
CA PHE A 530 -1.31 6.00 -3.58
C PHE A 530 -2.18 6.74 -4.57
N TRP A 531 -2.93 7.77 -4.11
CA TRP A 531 -3.87 8.47 -4.98
C TRP A 531 -3.15 9.28 -6.06
N ASN A 532 -2.01 9.89 -5.73
CA ASN A 532 -1.42 10.83 -6.67
C ASN A 532 -0.38 10.20 -7.59
N ARG A 533 0.29 9.13 -7.15
CA ARG A 533 1.39 8.53 -7.89
C ARG A 533 1.05 7.19 -8.50
N PHE A 534 0.52 6.25 -7.72
CA PHE A 534 0.32 4.90 -8.23
C PHE A 534 -0.96 4.76 -9.03
N LEU A 535 -2.10 5.14 -8.45
CA LEU A 535 -3.37 4.80 -9.07
C LEU A 535 -3.57 5.41 -10.46
N PRO A 536 -3.06 6.60 -10.79
CA PRO A 536 -3.10 7.01 -12.21
C PRO A 536 -2.42 6.01 -13.13
N LYS A 537 -1.25 5.50 -12.74
CA LYS A 537 -0.55 4.52 -13.56
C LYS A 537 -1.40 3.27 -13.77
N LEU A 538 -2.06 2.82 -12.71
CA LEU A 538 -2.91 1.64 -12.78
C LEU A 538 -4.04 1.84 -13.79
N LEU A 539 -4.73 2.97 -13.71
CA LEU A 539 -5.85 3.25 -14.61
C LEU A 539 -5.39 3.37 -16.06
N SER A 540 -4.14 3.82 -16.29
CA SER A 540 -3.55 3.82 -17.62
C SER A 540 -3.41 2.43 -18.23
N ALA A 541 -3.57 1.37 -17.43
CA ALA A 541 -3.28 0.01 -17.90
C ALA A 541 -4.36 -1.00 -17.48
N GLY B 1 40.02 -56.74 21.82
CA GLY B 1 38.72 -57.30 21.48
C GLY B 1 38.46 -57.39 19.99
N ARG B 2 37.19 -57.31 19.63
CA ARG B 2 36.78 -57.46 18.25
C ARG B 2 36.01 -56.32 17.65
N GLU B 3 34.71 -56.56 17.47
CA GLU B 3 33.77 -55.70 16.78
C GLU B 3 32.84 -55.00 17.77
N ASP B 4 32.30 -53.75 17.44
CA ASP B 4 31.34 -52.90 18.30
C ASP B 4 29.99 -53.19 17.52
N ALA B 5 29.18 -54.15 18.01
CA ALA B 5 27.78 -54.44 17.70
C ALA B 5 26.74 -53.34 17.72
N GLU B 6 26.69 -52.43 18.72
CA GLU B 6 25.94 -51.17 18.65
C GLU B 6 26.24 -50.42 17.37
N LEU B 7 27.44 -50.60 16.79
CA LEU B 7 27.81 -49.96 15.53
C LEU B 7 27.55 -50.84 14.33
N LEU B 8 26.77 -51.90 14.50
CA LEU B 8 26.44 -52.81 13.42
C LEU B 8 24.94 -52.92 13.29
N VAL B 9 24.46 -52.78 12.07
CA VAL B 9 23.04 -52.69 11.80
C VAL B 9 22.80 -53.36 10.47
N THR B 10 21.69 -54.07 10.36
CA THR B 10 21.30 -54.67 9.10
C THR B 10 20.07 -53.95 8.58
N VAL B 11 20.18 -53.44 7.35
CA VAL B 11 19.07 -52.80 6.65
C VAL B 11 18.74 -53.68 5.47
N ARG B 12 17.56 -53.45 4.86
CA ARG B 12 17.10 -54.36 3.81
C ARG B 12 18.16 -54.66 2.75
N GLY B 13 19.13 -53.78 2.55
CA GLY B 13 20.10 -53.95 1.48
C GLY B 13 21.33 -54.76 1.85
N GLY B 14 21.58 -54.92 3.14
CA GLY B 14 22.82 -55.51 3.60
C GLY B 14 23.23 -54.93 4.94
N ARG B 15 24.46 -55.24 5.33
CA ARG B 15 24.97 -54.89 6.66
C ARG B 15 25.76 -53.59 6.63
N LEU B 16 25.70 -52.87 7.75
CA LEU B 16 26.35 -51.57 7.91
C LEU B 16 27.21 -51.58 9.15
N ARG B 17 28.33 -50.86 9.09
CA ARG B 17 29.16 -50.57 10.25
C ARG B 17 29.21 -49.06 10.43
N GLY B 18 28.95 -48.61 11.66
CA GLY B 18 28.91 -47.21 11.98
C GLY B 18 30.08 -46.78 12.84
N ILE B 19 29.90 -45.65 13.50
CA ILE B 19 30.96 -45.03 14.27
C ILE B 19 30.34 -44.41 15.53
N ARG B 20 31.10 -44.42 16.61
CA ARG B 20 30.65 -43.86 17.88
C ARG B 20 31.20 -42.44 18.00
N LEU B 21 30.30 -41.46 17.99
CA LEU B 21 30.65 -40.04 18.08
C LEU B 21 30.69 -39.58 19.52
N LYS B 22 31.76 -38.89 19.89
CA LYS B 22 31.78 -38.17 21.14
C LYS B 22 30.99 -36.88 20.99
N THR B 23 30.15 -36.59 21.96
CA THR B 23 29.53 -35.28 22.11
C THR B 23 29.78 -34.82 23.54
N PRO B 24 29.66 -33.52 23.79
CA PRO B 24 29.77 -33.03 25.18
C PRO B 24 28.88 -33.74 26.18
N GLY B 25 27.68 -34.14 25.80
CA GLY B 25 26.82 -34.83 26.72
C GLY B 25 26.97 -36.33 26.79
N GLY B 26 27.84 -36.93 25.99
CA GLY B 26 27.93 -38.37 25.93
C GLY B 26 27.93 -38.89 24.50
N PRO B 27 28.06 -40.21 24.33
CA PRO B 27 28.25 -40.77 22.99
C PRO B 27 26.95 -40.88 22.19
N VAL B 28 27.13 -40.86 20.88
CA VAL B 28 26.08 -41.03 19.90
C VAL B 28 26.61 -42.00 18.85
N SER B 29 25.73 -42.83 18.29
CA SER B 29 26.11 -43.69 17.17
C SER B 29 25.73 -43.00 15.88
N ALA B 30 26.67 -42.95 14.93
CA ALA B 30 26.47 -42.28 13.66
C ALA B 30 26.74 -43.26 12.54
N PHE B 31 25.82 -43.33 11.59
CA PHE B 31 25.93 -44.12 10.38
C PHE B 31 25.92 -43.12 9.22
N LEU B 32 27.12 -42.68 8.83
CA LEU B 32 27.30 -41.60 7.87
C LEU B 32 27.65 -42.14 6.50
N GLY B 33 26.90 -41.76 5.48
CA GLY B 33 27.22 -42.16 4.12
C GLY B 33 26.66 -43.52 3.74
N ILE B 34 25.42 -43.78 4.11
CA ILE B 34 24.72 -45.00 3.71
C ILE B 34 24.18 -44.84 2.29
N PRO B 35 24.61 -45.68 1.35
CA PRO B 35 24.05 -45.59 0.00
C PRO B 35 22.57 -45.94 0.02
N PHE B 36 21.75 -45.11 -0.62
CA PHE B 36 20.33 -45.37 -0.72
C PHE B 36 19.83 -45.39 -2.15
N ALA B 37 20.65 -44.96 -3.09
CA ALA B 37 20.36 -45.14 -4.51
C ALA B 37 21.61 -45.64 -5.24
N GLU B 38 21.40 -46.27 -6.39
CA GLU B 38 22.48 -46.48 -7.34
C GLU B 38 23.03 -45.13 -7.79
N PRO B 39 24.33 -45.00 -7.98
CA PRO B 39 24.91 -43.69 -8.34
C PRO B 39 24.28 -43.13 -9.60
N PRO B 40 23.75 -41.92 -9.57
CA PRO B 40 23.13 -41.34 -10.78
C PRO B 40 24.18 -40.84 -11.78
N MET B 41 24.96 -41.78 -12.31
CA MET B 41 26.11 -41.48 -13.16
C MET B 41 25.87 -41.91 -14.59
N GLY B 42 26.65 -41.30 -15.49
CA GLY B 42 26.63 -41.62 -16.90
C GLY B 42 25.25 -41.68 -17.50
N PRO B 43 24.82 -42.87 -17.92
CA PRO B 43 23.47 -43.02 -18.48
C PRO B 43 22.37 -42.65 -17.49
N ARG B 44 22.64 -42.68 -16.19
CA ARG B 44 21.65 -42.41 -15.16
C ARG B 44 21.57 -40.94 -14.76
N ARG B 45 22.41 -40.09 -15.35
CA ARG B 45 22.28 -38.65 -15.16
C ARG B 45 20.90 -38.19 -15.64
N PHE B 46 20.31 -37.26 -14.88
CA PHE B 46 19.00 -36.66 -15.13
C PHE B 46 17.82 -37.62 -14.95
N LEU B 47 18.07 -38.89 -14.62
CA LEU B 47 16.99 -39.85 -14.48
C LEU B 47 16.59 -40.00 -13.01
N PRO B 48 15.40 -40.54 -12.76
CA PRO B 48 14.99 -40.79 -11.38
C PRO B 48 15.96 -41.73 -10.69
N PRO B 49 16.08 -41.64 -9.37
CA PRO B 49 17.01 -42.52 -8.66
C PRO B 49 16.55 -43.97 -8.71
N GLU B 50 17.52 -44.87 -8.96
CA GLU B 50 17.18 -46.28 -8.80
C GLU B 50 17.53 -46.74 -7.39
N PRO B 51 16.68 -47.52 -6.73
CA PRO B 51 16.98 -47.98 -5.37
C PRO B 51 18.32 -48.74 -5.32
N LYS B 52 19.04 -48.55 -4.21
CA LYS B 52 20.34 -49.18 -4.03
C LYS B 52 20.19 -50.70 -4.04
N GLN B 53 20.86 -51.35 -4.97
CA GLN B 53 20.77 -52.80 -5.00
C GLN B 53 21.53 -53.42 -3.82
N PRO B 54 21.07 -54.56 -3.33
CA PRO B 54 21.65 -55.14 -2.11
C PRO B 54 23.12 -55.52 -2.29
N TRP B 55 23.79 -55.70 -1.16
CA TRP B 55 25.23 -55.90 -1.13
C TRP B 55 25.58 -56.98 -0.11
N SER B 56 26.68 -57.67 -0.36
CA SER B 56 27.22 -58.62 0.61
C SER B 56 28.35 -57.96 1.38
N GLY B 57 28.64 -58.53 2.55
CA GLY B 57 29.63 -57.92 3.39
C GLY B 57 29.08 -56.70 4.12
N VAL B 58 30.00 -55.97 4.73
CA VAL B 58 29.67 -54.82 5.57
C VAL B 58 30.09 -53.55 4.86
N VAL B 59 29.14 -52.62 4.68
CA VAL B 59 29.44 -51.27 4.20
C VAL B 59 29.81 -50.42 5.40
N ASP B 60 30.97 -49.76 5.33
CA ASP B 60 31.37 -48.82 6.37
C ASP B 60 30.62 -47.51 6.15
N ALA B 61 29.69 -47.18 7.04
CA ALA B 61 29.02 -45.86 7.05
C ALA B 61 29.67 -45.04 8.17
N THR B 62 30.88 -44.59 7.89
CA THR B 62 31.73 -44.04 8.94
C THR B 62 32.20 -42.62 8.66
N THR B 63 31.80 -42.03 7.54
CA THR B 63 32.12 -40.66 7.21
C THR B 63 31.14 -40.20 6.15
N PHE B 64 30.96 -38.89 6.06
CA PHE B 64 30.09 -38.32 5.04
C PHE B 64 30.62 -38.64 3.65
N GLN B 65 29.71 -39.00 2.76
CA GLN B 65 30.08 -39.23 1.37
C GLN B 65 30.14 -37.89 0.64
N SER B 66 30.34 -37.95 -0.68
CA SER B 66 30.62 -36.76 -1.47
C SER B 66 29.40 -35.84 -1.59
N VAL B 67 29.70 -34.56 -1.77
CA VAL B 67 28.69 -33.55 -2.09
C VAL B 67 28.26 -33.70 -3.55
N CYS B 68 26.94 -33.68 -3.79
CA CYS B 68 26.40 -33.61 -5.16
C CYS B 68 26.98 -32.46 -5.93
N TYR B 69 27.43 -32.71 -7.17
CA TYR B 69 28.02 -31.66 -8.00
C TYR B 69 27.23 -30.35 -7.95
N GLN B 70 27.94 -29.25 -7.73
CA GLN B 70 27.26 -27.98 -7.50
C GLN B 70 28.24 -26.82 -7.64
N TYR B 71 27.68 -25.66 -7.96
CA TYR B 71 28.40 -24.40 -7.92
C TYR B 71 29.03 -24.16 -6.56
N VAL B 72 30.20 -23.52 -6.56
CA VAL B 72 30.92 -23.17 -5.33
C VAL B 72 31.05 -21.66 -5.29
N ASP B 73 30.56 -21.06 -4.21
CA ASP B 73 30.48 -19.60 -4.17
C ASP B 73 31.84 -18.96 -4.02
N THR B 74 32.08 -17.89 -4.79
CA THR B 74 33.37 -17.22 -4.83
C THR B 74 33.30 -15.74 -4.47
N LEU B 75 32.16 -15.26 -3.97
CA LEU B 75 32.02 -13.81 -3.76
C LEU B 75 32.98 -13.29 -2.71
N TYR B 76 33.11 -14.00 -1.59
CA TYR B 76 34.01 -13.61 -0.50
C TYR B 76 34.87 -14.82 -0.14
N PRO B 77 35.94 -15.06 -0.91
CA PRO B 77 36.71 -16.30 -0.74
C PRO B 77 37.41 -16.33 0.61
N GLY B 78 37.29 -17.46 1.31
CA GLY B 78 37.80 -17.60 2.65
C GLY B 78 36.94 -17.00 3.75
N PHE B 79 35.91 -16.24 3.39
CA PHE B 79 35.05 -15.63 4.41
C PHE B 79 34.16 -16.69 5.05
N GLU B 80 34.17 -16.72 6.38
CA GLU B 80 33.40 -17.73 7.11
C GLU B 80 31.92 -17.71 6.74
N GLY B 81 31.32 -16.51 6.64
CA GLY B 81 29.89 -16.42 6.41
C GLY B 81 29.42 -17.08 5.13
N THR B 82 30.28 -17.12 4.11
CA THR B 82 29.95 -17.84 2.88
C THR B 82 30.55 -19.24 2.83
N GLU B 83 31.73 -19.47 3.39
CA GLU B 83 32.37 -20.77 3.26
C GLU B 83 31.61 -21.85 4.03
N MET B 84 30.93 -21.48 5.12
CA MET B 84 30.17 -22.48 5.86
C MET B 84 29.11 -23.17 5.02
N TRP B 85 28.73 -22.59 3.88
CA TRP B 85 27.70 -23.18 3.04
C TRP B 85 28.28 -23.98 1.88
N ASN B 86 29.56 -23.81 1.61
CA ASN B 86 30.23 -24.42 0.48
C ASN B 86 30.54 -25.89 0.76
N PRO B 87 30.75 -26.69 -0.30
CA PRO B 87 31.02 -28.11 -0.12
C PRO B 87 32.23 -28.36 0.78
N ASN B 88 32.05 -29.26 1.75
CA ASN B 88 33.16 -29.68 2.62
C ASN B 88 33.55 -31.15 2.38
N ARG B 89 33.06 -31.76 1.32
CA ARG B 89 33.54 -33.00 0.77
C ARG B 89 33.78 -32.77 -0.71
N GLU B 90 34.41 -33.74 -1.37
CA GLU B 90 34.66 -33.60 -2.80
C GLU B 90 33.35 -33.64 -3.57
N LEU B 91 33.32 -32.89 -4.69
CA LEU B 91 32.16 -32.94 -5.57
C LEU B 91 32.14 -34.23 -6.38
N SER B 92 30.97 -34.83 -6.50
CA SER B 92 30.81 -35.96 -7.40
C SER B 92 29.34 -36.15 -7.70
N GLU B 93 29.03 -36.62 -8.91
CA GLU B 93 27.67 -37.11 -9.19
C GLU B 93 27.31 -38.32 -8.36
N ASP B 94 28.29 -39.07 -7.89
CA ASP B 94 28.05 -40.24 -7.03
C ASP B 94 27.80 -39.70 -5.63
N CYS B 95 26.56 -39.30 -5.34
CA CYS B 95 26.35 -38.55 -4.10
C CYS B 95 25.10 -38.96 -3.34
N LEU B 96 24.41 -40.03 -3.75
CA LEU B 96 23.12 -40.34 -3.13
C LEU B 96 23.32 -41.23 -1.88
N TYR B 97 23.71 -40.57 -0.78
CA TYR B 97 23.96 -41.22 0.50
C TYR B 97 23.22 -40.47 1.59
N LEU B 98 22.72 -41.19 2.59
CA LEU B 98 22.05 -40.57 3.73
C LEU B 98 22.79 -40.94 5.02
N ASN B 99 22.45 -40.22 6.07
CA ASN B 99 23.10 -40.36 7.38
C ASN B 99 22.04 -40.60 8.43
N VAL B 100 22.39 -41.41 9.43
CA VAL B 100 21.53 -41.70 10.58
C VAL B 100 22.35 -41.49 11.84
N TRP B 101 21.86 -40.66 12.74
CA TRP B 101 22.38 -40.57 14.09
C TRP B 101 21.34 -41.14 15.04
N THR B 102 21.81 -41.90 16.03
CA THR B 102 20.93 -42.53 17.00
C THR B 102 21.63 -42.51 18.35
N PRO B 103 20.88 -42.59 19.45
CA PRO B 103 21.52 -42.60 20.76
C PRO B 103 22.38 -43.84 20.97
N TYR B 104 23.38 -43.70 21.82
CA TYR B 104 24.27 -44.80 22.21
C TYR B 104 24.10 -45.06 23.70
N PRO B 105 23.54 -46.21 24.11
CA PRO B 105 23.15 -47.33 23.26
C PRO B 105 21.83 -47.13 22.50
N ARG B 106 21.67 -47.92 21.45
CA ARG B 106 20.52 -47.82 20.56
C ARG B 106 19.23 -47.93 21.36
N PRO B 107 18.18 -47.16 21.00
CA PRO B 107 16.98 -47.13 21.83
C PRO B 107 16.32 -48.49 21.94
N THR B 108 15.70 -48.75 23.10
CA THR B 108 15.00 -50.02 23.31
C THR B 108 13.64 -50.00 22.63
N SER B 109 12.84 -48.91 22.86
CA SER B 109 11.52 -48.64 22.30
C SER B 109 11.63 -47.70 21.11
N PRO B 110 10.72 -47.81 20.14
CA PRO B 110 10.76 -46.94 18.96
C PRO B 110 10.78 -45.45 19.31
N THR B 111 11.72 -44.73 18.68
CA THR B 111 12.02 -43.34 18.95
C THR B 111 11.65 -42.46 17.75
N PRO B 112 10.99 -41.31 17.99
CA PRO B 112 10.60 -40.44 16.87
C PRO B 112 11.80 -39.94 16.08
N VAL B 113 11.57 -39.70 14.80
CA VAL B 113 12.63 -39.46 13.82
C VAL B 113 12.49 -38.07 13.21
N LEU B 114 13.53 -37.25 13.35
CA LEU B 114 13.67 -36.02 12.58
C LEU B 114 14.45 -36.29 11.30
N VAL B 115 13.92 -35.86 10.16
CA VAL B 115 14.58 -36.03 8.87
C VAL B 115 14.90 -34.64 8.30
N TRP B 116 16.19 -34.33 8.17
CA TRP B 116 16.63 -33.02 7.70
C TRP B 116 16.75 -32.95 6.19
N ILE B 117 16.27 -31.85 5.59
CA ILE B 117 16.50 -31.57 4.18
C ILE B 117 17.19 -30.21 4.06
N TYR B 118 18.43 -30.22 3.55
CA TYR B 118 19.14 -28.95 3.45
C TYR B 118 18.54 -28.09 2.34
N GLY B 119 18.80 -26.78 2.45
CA GLY B 119 18.52 -25.83 1.40
C GLY B 119 19.77 -25.44 0.64
N GLY B 120 19.65 -24.36 -0.14
CA GLY B 120 20.71 -23.95 -1.03
C GLY B 120 20.23 -23.63 -2.43
N GLY B 121 19.01 -23.09 -2.52
CA GLY B 121 18.43 -22.69 -3.79
C GLY B 121 18.19 -23.80 -4.79
N PHE B 122 18.18 -25.05 -4.35
CA PHE B 122 18.13 -26.23 -5.21
C PHE B 122 19.34 -26.37 -6.12
N TYR B 123 20.34 -25.49 -5.99
CA TYR B 123 21.57 -25.60 -6.78
C TYR B 123 22.79 -25.97 -5.94
N SER B 124 22.65 -26.08 -4.62
CA SER B 124 23.79 -26.26 -3.75
C SER B 124 23.31 -26.88 -2.45
N GLY B 125 24.25 -27.18 -1.57
CA GLY B 125 23.97 -27.73 -0.27
C GLY B 125 24.45 -29.16 -0.13
N ALA B 126 24.55 -29.60 1.12
CA ALA B 126 24.99 -30.96 1.40
C ALA B 126 24.65 -31.30 2.84
N SER B 127 24.46 -32.60 3.10
CA SER B 127 24.14 -32.99 4.46
C SER B 127 25.37 -33.03 5.36
N SER B 128 26.57 -32.88 4.80
CA SER B 128 27.81 -32.97 5.56
C SER B 128 28.24 -31.63 6.16
N LEU B 129 27.61 -30.53 5.78
CA LEU B 129 27.96 -29.23 6.35
C LEU B 129 27.97 -29.28 7.87
N ASP B 130 29.00 -28.65 8.46
CA ASP B 130 29.19 -28.67 9.90
C ASP B 130 27.94 -28.23 10.67
N VAL B 131 27.16 -27.31 10.10
CA VAL B 131 26.02 -26.77 10.83
C VAL B 131 24.80 -27.67 10.78
N TYR B 132 24.85 -28.77 10.03
CA TYR B 132 23.79 -29.79 10.08
C TYR B 132 24.24 -31.01 10.87
N ASP B 133 25.31 -30.87 11.65
CA ASP B 133 25.80 -31.96 12.48
C ASP B 133 24.72 -32.45 13.43
N GLY B 134 24.30 -33.71 13.27
CA GLY B 134 23.19 -34.24 14.03
C GLY B 134 23.48 -34.70 15.44
N ARG B 135 24.77 -34.75 15.85
CA ARG B 135 25.11 -35.40 17.11
C ARG B 135 24.51 -34.66 18.31
N PHE B 136 24.40 -33.34 18.25
CA PHE B 136 23.94 -32.58 19.41
C PHE B 136 22.44 -32.76 19.64
N LEU B 137 21.64 -32.65 18.58
CA LEU B 137 20.22 -32.91 18.72
C LEU B 137 19.97 -34.30 19.29
N VAL B 138 20.66 -35.30 18.74
CA VAL B 138 20.39 -36.68 19.13
C VAL B 138 20.73 -36.91 20.59
N GLN B 139 21.91 -36.44 21.00
CA GLN B 139 22.29 -36.54 22.42
C GLN B 139 21.32 -35.76 23.32
N ALA B 140 21.01 -34.50 22.96
CA ALA B 140 20.20 -33.66 23.85
C ALA B 140 18.79 -34.21 24.01
N GLU B 141 18.16 -34.64 22.93
CA GLU B 141 16.74 -34.91 22.95
C GLU B 141 16.37 -36.36 22.67
N ARG B 142 17.37 -37.22 22.44
CA ARG B 142 17.17 -38.65 22.21
C ARG B 142 16.12 -38.89 21.13
N THR B 143 16.32 -38.27 19.98
CA THR B 143 15.62 -38.62 18.77
C THR B 143 16.59 -39.34 17.84
N VAL B 144 16.05 -39.92 16.79
CA VAL B 144 16.85 -40.35 15.66
C VAL B 144 16.84 -39.23 14.63
N LEU B 145 18.01 -38.86 14.12
CA LEU B 145 18.11 -37.86 13.08
C LEU B 145 18.63 -38.48 11.80
N VAL B 146 17.91 -38.23 10.69
CA VAL B 146 18.30 -38.67 9.37
C VAL B 146 18.51 -37.43 8.50
N SER B 147 19.52 -37.48 7.65
CA SER B 147 19.65 -36.48 6.59
C SER B 147 20.13 -37.16 5.32
N MET B 148 19.74 -36.62 4.18
CA MET B 148 20.13 -37.20 2.90
C MET B 148 20.72 -36.15 1.99
N ASN B 149 21.60 -36.60 1.11
CA ASN B 149 22.02 -35.79 -0.03
C ASN B 149 21.03 -36.00 -1.17
N TYR B 150 20.75 -34.93 -1.91
CA TYR B 150 19.89 -35.00 -3.08
C TYR B 150 20.53 -34.17 -4.18
N ARG B 151 20.28 -34.58 -5.42
CA ARG B 151 20.91 -33.91 -6.55
C ARG B 151 20.37 -32.49 -6.67
N VAL B 152 21.25 -31.57 -7.05
CA VAL B 152 20.94 -30.15 -7.15
C VAL B 152 21.33 -29.69 -8.55
N GLY B 153 20.96 -28.44 -8.86
CA GLY B 153 21.25 -27.84 -10.16
C GLY B 153 20.64 -28.65 -11.28
N ALA B 154 21.28 -28.58 -12.46
CA ALA B 154 20.78 -29.35 -13.60
C ALA B 154 20.69 -30.83 -13.29
N PHE B 155 21.57 -31.35 -12.43
CA PHE B 155 21.57 -32.77 -12.16
C PHE B 155 20.32 -33.22 -11.42
N GLY B 156 19.69 -32.32 -10.66
CA GLY B 156 18.51 -32.69 -9.91
C GLY B 156 17.22 -32.20 -10.54
N PHE B 157 17.32 -31.14 -11.35
CA PHE B 157 16.13 -30.37 -11.71
C PHE B 157 16.09 -29.87 -13.14
N LEU B 158 17.08 -30.17 -13.97
CA LEU B 158 16.89 -29.91 -15.39
C LEU B 158 15.72 -30.76 -15.86
N ALA B 159 14.81 -30.14 -16.59
CA ALA B 159 13.58 -30.80 -17.01
C ALA B 159 13.34 -30.51 -18.48
N LEU B 160 13.14 -31.56 -19.26
CA LEU B 160 12.52 -31.42 -20.58
C LEU B 160 11.16 -32.09 -20.46
N PRO B 161 10.12 -31.35 -20.06
CA PRO B 161 8.86 -31.99 -19.66
C PRO B 161 8.29 -32.83 -20.78
N GLY B 162 7.69 -33.96 -20.38
CA GLY B 162 7.22 -34.97 -21.30
C GLY B 162 8.26 -36.02 -21.65
N SER B 163 9.54 -35.65 -21.62
CA SER B 163 10.61 -36.58 -21.97
C SER B 163 10.79 -37.65 -20.90
N ARG B 164 11.22 -38.84 -21.34
CA ARG B 164 11.57 -39.90 -20.40
C ARG B 164 12.99 -39.73 -19.88
N GLU B 165 13.83 -39.06 -20.65
CA GLU B 165 15.27 -38.97 -20.37
C GLU B 165 15.64 -37.84 -19.42
N ALA B 166 14.78 -36.83 -19.25
CA ALA B 166 15.01 -35.78 -18.27
C ALA B 166 13.68 -35.28 -17.75
N PRO B 167 12.97 -36.12 -16.97
CA PRO B 167 11.59 -35.77 -16.58
C PRO B 167 11.49 -34.58 -15.63
N GLY B 168 12.61 -34.10 -15.10
CA GLY B 168 12.56 -33.10 -14.06
C GLY B 168 12.25 -33.71 -12.70
N ASN B 169 12.52 -32.92 -11.68
CA ASN B 169 12.17 -33.21 -10.29
C ASN B 169 12.91 -34.42 -9.71
N VAL B 170 14.00 -34.88 -10.34
CA VAL B 170 14.63 -36.11 -9.84
C VAL B 170 15.30 -35.86 -8.50
N GLY B 171 15.76 -34.63 -8.23
CA GLY B 171 16.24 -34.28 -6.90
C GLY B 171 15.18 -34.44 -5.82
N LEU B 172 13.92 -34.14 -6.16
CA LEU B 172 12.86 -34.40 -5.19
C LEU B 172 12.63 -35.89 -5.02
N LEU B 173 12.73 -36.65 -6.12
CA LEU B 173 12.65 -38.11 -6.02
C LEU B 173 13.80 -38.68 -5.19
N ASP B 174 15.00 -38.10 -5.31
CA ASP B 174 16.08 -38.47 -4.40
C ASP B 174 15.62 -38.38 -2.96
N GLN B 175 14.99 -37.25 -2.60
CA GLN B 175 14.49 -37.07 -1.25
C GLN B 175 13.39 -38.08 -0.94
N ARG B 176 12.47 -38.28 -1.87
CA ARG B 176 11.40 -39.27 -1.64
C ARG B 176 11.98 -40.65 -1.41
N LEU B 177 12.97 -41.06 -2.24
CA LEU B 177 13.59 -42.37 -2.06
C LEU B 177 14.19 -42.49 -0.66
N ALA B 178 14.84 -41.43 -0.18
CA ALA B 178 15.41 -41.51 1.17
C ALA B 178 14.30 -41.64 2.21
N LEU B 179 13.15 -40.99 1.97
CA LEU B 179 12.05 -41.10 2.92
C LEU B 179 11.47 -42.51 2.94
N GLN B 180 11.34 -43.13 1.76
CA GLN B 180 11.02 -44.56 1.69
C GLN B 180 12.07 -45.40 2.45
N TRP B 181 13.35 -45.07 2.28
CA TRP B 181 14.40 -45.75 3.04
C TRP B 181 14.15 -45.65 4.54
N VAL B 182 13.77 -44.45 5.01
CA VAL B 182 13.51 -44.26 6.43
C VAL B 182 12.36 -45.16 6.89
N GLN B 183 11.34 -45.32 6.04
CA GLN B 183 10.20 -46.16 6.40
C GLN B 183 10.61 -47.62 6.52
N GLU B 184 11.38 -48.12 5.56
CA GLU B 184 11.75 -49.53 5.60
C GLU B 184 12.83 -49.83 6.63
N ASN B 185 13.69 -48.86 6.96
CA ASN B 185 14.93 -49.20 7.64
C ASN B 185 15.15 -48.51 8.98
N VAL B 186 14.38 -47.48 9.33
CA VAL B 186 14.76 -46.70 10.49
C VAL B 186 14.54 -47.51 11.77
N ALA B 187 13.61 -48.46 11.74
CA ALA B 187 13.38 -49.28 12.93
C ALA B 187 14.62 -50.04 13.33
N ALA B 188 15.42 -50.47 12.34
CA ALA B 188 16.67 -51.19 12.63
C ALA B 188 17.64 -50.36 13.45
N PHE B 189 17.51 -49.04 13.43
CA PHE B 189 18.30 -48.18 14.29
C PHE B 189 17.57 -47.76 15.57
N GLY B 190 16.36 -48.28 15.79
CA GLY B 190 15.58 -47.88 16.94
C GLY B 190 14.66 -46.69 16.72
N GLY B 191 14.51 -46.23 15.49
CA GLY B 191 13.59 -45.16 15.20
C GLY B 191 12.18 -45.66 14.92
N ASP B 192 11.22 -44.76 15.12
CA ASP B 192 9.81 -45.07 14.93
C ASP B 192 9.37 -44.61 13.55
N PRO B 193 9.09 -45.52 12.62
CA PRO B 193 8.59 -45.09 11.29
C PRO B 193 7.19 -44.49 11.33
N THR B 194 6.47 -44.58 12.45
CA THR B 194 5.15 -43.98 12.57
C THR B 194 5.20 -42.60 13.21
N SER B 195 6.41 -42.11 13.54
CA SER B 195 6.61 -40.76 14.07
C SER B 195 7.83 -40.16 13.35
N VAL B 196 7.59 -39.65 12.14
CA VAL B 196 8.63 -39.07 11.30
C VAL B 196 8.28 -37.62 11.01
N THR B 197 9.18 -36.71 11.40
CA THR B 197 9.02 -35.28 11.24
C THR B 197 10.07 -34.77 10.24
N LEU B 198 9.63 -34.35 9.07
CA LEU B 198 10.51 -33.65 8.15
C LEU B 198 10.82 -32.25 8.63
N PHE B 199 12.05 -31.80 8.43
CA PHE B 199 12.32 -30.40 8.63
C PHE B 199 13.48 -29.96 7.74
N GLY B 200 13.41 -28.72 7.30
CA GLY B 200 14.36 -28.18 6.35
C GLY B 200 14.24 -26.67 6.33
N GLU B 201 15.23 -26.05 5.71
CA GLU B 201 15.36 -24.60 5.71
C GLU B 201 15.56 -24.15 4.26
N SER B 202 14.99 -22.99 3.92
CA SER B 202 15.08 -22.39 2.57
C SER B 202 14.56 -23.41 1.57
N ALA B 203 15.32 -23.76 0.52
CA ALA B 203 14.86 -24.76 -0.43
C ALA B 203 14.54 -26.10 0.24
N GLY B 204 15.18 -26.40 1.37
CA GLY B 204 14.79 -27.59 2.11
C GLY B 204 13.38 -27.47 2.66
N ALA B 205 13.04 -26.29 3.16
CA ALA B 205 11.68 -26.03 3.63
C ALA B 205 10.68 -26.10 2.48
N ALA B 206 11.01 -25.47 1.36
CA ALA B 206 10.20 -25.64 0.15
C ALA B 206 10.08 -27.13 -0.22
N SER B 207 11.17 -27.90 -0.09
CA SER B 207 11.08 -29.33 -0.39
C SER B 207 10.09 -30.01 0.56
N VAL B 208 10.23 -29.73 1.86
CA VAL B 208 9.32 -30.29 2.86
C VAL B 208 7.87 -30.03 2.45
N GLY B 209 7.57 -28.78 2.04
CA GLY B 209 6.21 -28.44 1.65
C GLY B 209 5.73 -29.19 0.42
N MET B 210 6.63 -29.42 -0.54
CA MET B 210 6.23 -30.18 -1.72
C MET B 210 5.93 -31.64 -1.39
N HIS B 211 6.67 -32.23 -0.44
CA HIS B 211 6.30 -33.57 0.01
C HIS B 211 4.91 -33.55 0.68
N LEU B 212 4.59 -32.47 1.40
CA LEU B 212 3.23 -32.33 1.94
C LEU B 212 2.18 -32.40 0.84
N LEU B 213 2.45 -31.79 -0.31
CA LEU B 213 1.49 -31.59 -1.38
C LEU B 213 1.52 -32.69 -2.44
N SER B 214 2.39 -33.68 -2.30
CA SER B 214 2.48 -34.74 -3.29
C SER B 214 2.09 -36.02 -2.57
N PRO B 215 0.98 -36.66 -2.94
CA PRO B 215 0.44 -37.76 -2.12
C PRO B 215 1.43 -38.90 -1.93
N PRO B 216 2.18 -39.33 -2.97
CA PRO B 216 3.14 -40.42 -2.73
C PRO B 216 4.17 -40.10 -1.65
N SER B 217 4.53 -38.82 -1.47
CA SER B 217 5.41 -38.50 -0.33
C SER B 217 4.65 -38.37 0.96
N ARG B 218 3.43 -37.79 0.90
CA ARG B 218 2.70 -37.43 2.12
C ARG B 218 2.57 -38.62 3.06
N GLY B 219 2.43 -39.83 2.53
CA GLY B 219 2.35 -41.00 3.39
C GLY B 219 3.65 -41.41 4.08
N LEU B 220 4.76 -40.73 3.82
CA LEU B 220 6.04 -41.15 4.39
C LEU B 220 6.41 -40.42 5.68
N PHE B 221 5.63 -39.42 6.09
CA PHE B 221 5.94 -38.68 7.32
C PHE B 221 4.64 -38.19 7.96
N HIS B 222 4.77 -37.60 9.14
CA HIS B 222 3.61 -37.24 9.96
C HIS B 222 3.55 -35.77 10.34
N ARG B 223 4.68 -35.09 10.37
CA ARG B 223 4.74 -33.69 10.76
C ARG B 223 5.78 -33.01 9.90
N ALA B 224 5.72 -31.69 9.84
CA ALA B 224 6.63 -30.93 9.02
C ALA B 224 7.05 -29.67 9.76
N VAL B 225 8.31 -29.28 9.56
CA VAL B 225 8.86 -28.00 9.99
C VAL B 225 9.39 -27.29 8.74
N LEU B 226 8.95 -26.06 8.49
CA LEU B 226 9.41 -25.30 7.33
C LEU B 226 10.09 -24.02 7.82
N GLN B 227 11.41 -23.99 7.75
CA GLN B 227 12.20 -22.86 8.24
C GLN B 227 12.58 -21.95 7.07
N SER B 228 12.07 -20.71 7.08
CA SER B 228 12.46 -19.70 6.09
C SER B 228 12.32 -20.20 4.65
N GLY B 229 11.22 -20.90 4.37
CA GLY B 229 10.98 -21.33 3.01
C GLY B 229 9.62 -21.98 2.92
N ALA B 230 9.09 -21.99 1.70
CA ALA B 230 7.76 -22.51 1.46
C ALA B 230 7.71 -22.97 0.02
N PRO B 231 6.87 -23.96 -0.30
CA PRO B 231 6.83 -24.46 -1.68
C PRO B 231 6.22 -23.47 -2.67
N ASN B 232 5.47 -22.46 -2.18
CA ASN B 232 4.80 -21.46 -3.00
C ASN B 232 5.63 -20.19 -3.21
N GLY B 233 6.84 -20.13 -2.69
CA GLY B 233 7.71 -19.01 -3.01
C GLY B 233 7.94 -18.83 -4.51
N PRO B 234 7.99 -17.58 -4.99
CA PRO B 234 8.19 -17.34 -6.44
C PRO B 234 9.46 -17.96 -7.03
N TRP B 235 10.38 -18.48 -6.21
CA TRP B 235 11.64 -19.05 -6.67
C TRP B 235 11.66 -20.56 -6.65
N ALA B 236 10.68 -21.19 -5.99
CA ALA B 236 10.73 -22.59 -5.63
C ALA B 236 10.26 -23.52 -6.75
N THR B 237 9.45 -23.04 -7.68
CA THR B 237 8.99 -23.86 -8.78
C THR B 237 9.08 -23.05 -10.04
N VAL B 238 8.97 -23.74 -11.17
CA VAL B 238 8.97 -23.12 -12.48
C VAL B 238 7.92 -23.85 -13.33
N GLY B 239 7.34 -23.15 -14.31
CA GLY B 239 6.44 -23.78 -15.25
C GLY B 239 7.16 -24.66 -16.28
N MET B 240 6.38 -25.48 -16.99
CA MET B 240 6.95 -26.47 -17.90
C MET B 240 7.73 -25.81 -19.03
N GLY B 241 7.14 -24.79 -19.65
CA GLY B 241 7.79 -24.18 -20.80
C GLY B 241 9.03 -23.40 -20.43
N GLU B 242 9.02 -22.73 -19.29
CA GLU B 242 10.22 -22.03 -18.87
C GLU B 242 11.31 -23.02 -18.45
N ALA B 243 10.93 -24.15 -17.84
CA ALA B 243 11.90 -25.21 -17.58
C ALA B 243 12.54 -25.68 -18.88
N ARG B 244 11.71 -25.99 -19.88
CA ARG B 244 12.24 -26.42 -21.17
C ARG B 244 13.14 -25.36 -21.77
N ARG B 245 12.75 -24.09 -21.67
CA ARG B 245 13.57 -23.04 -22.24
C ARG B 245 14.95 -23.01 -21.60
N ARG B 246 15.01 -23.17 -20.28
CA ARG B 246 16.29 -23.16 -19.57
C ARG B 246 17.13 -24.40 -19.90
N ALA B 247 16.52 -25.58 -19.90
CA ALA B 247 17.24 -26.78 -20.28
C ALA B 247 17.79 -26.63 -21.70
N THR B 248 16.95 -26.16 -22.62
CA THR B 248 17.35 -26.01 -24.01
C THR B 248 18.48 -25.01 -24.16
N GLN B 249 18.39 -23.86 -23.47
N GLN B 249 18.40 -23.86 -23.48
CA GLN B 249 19.48 -22.88 -23.52
CA GLN B 249 19.48 -22.89 -23.55
C GLN B 249 20.75 -23.44 -22.91
C GLN B 249 20.76 -23.42 -22.90
N LEU B 250 20.63 -24.23 -21.84
CA LEU B 250 21.80 -24.81 -21.22
C LEU B 250 22.51 -25.73 -22.21
N ALA B 251 21.75 -26.65 -22.82
CA ALA B 251 22.29 -27.53 -23.83
C ALA B 251 22.95 -26.73 -24.95
N HIS B 252 22.24 -25.73 -25.47
CA HIS B 252 22.82 -24.91 -26.53
C HIS B 252 24.16 -24.32 -26.12
N LEU B 253 24.25 -23.82 -24.88
CA LEU B 253 25.47 -23.15 -24.44
C LEU B 253 26.65 -24.11 -24.30
N VAL B 254 26.40 -25.42 -24.22
CA VAL B 254 27.45 -26.42 -24.10
C VAL B 254 27.52 -27.28 -25.36
N GLY B 255 26.92 -26.81 -26.45
CA GLY B 255 27.04 -27.47 -27.74
C GLY B 255 26.10 -28.62 -28.01
N CYS B 256 24.93 -28.66 -27.39
CA CYS B 256 23.95 -29.72 -27.62
C CYS B 256 22.64 -29.15 -28.11
N PRO B 257 22.13 -29.51 -29.30
CA PRO B 257 22.79 -30.44 -30.22
C PRO B 257 23.87 -29.70 -31.01
N PRO B 258 24.79 -30.45 -31.64
CA PRO B 258 25.81 -29.87 -32.53
C PRO B 258 25.22 -29.39 -33.86
N THR B 261 19.97 -26.40 -31.21
CA THR B 261 18.90 -26.08 -30.27
C THR B 261 17.64 -26.94 -30.48
N GLY B 262 17.20 -27.61 -29.41
CA GLY B 262 15.98 -28.39 -29.47
C GLY B 262 16.12 -29.67 -30.29
N GLY B 263 15.00 -30.08 -30.89
CA GLY B 263 14.93 -31.30 -31.67
C GLY B 263 14.38 -32.49 -30.89
N ASN B 264 14.97 -33.67 -31.12
CA ASN B 264 14.68 -34.87 -30.34
C ASN B 264 15.13 -34.65 -28.89
N ASP B 265 14.24 -34.93 -27.93
CA ASP B 265 14.65 -34.85 -26.53
C ASP B 265 15.67 -35.93 -26.19
N THR B 266 15.46 -37.14 -26.71
CA THR B 266 16.41 -38.23 -26.47
C THR B 266 17.81 -37.84 -26.94
N GLU B 267 17.92 -37.29 -28.15
CA GLU B 267 19.23 -36.90 -28.63
C GLU B 267 19.83 -35.80 -27.76
N LEU B 268 19.02 -34.80 -27.37
CA LEU B 268 19.57 -33.67 -26.62
C LEU B 268 20.08 -34.11 -25.25
N VAL B 269 19.33 -34.94 -24.53
CA VAL B 269 19.79 -35.34 -23.21
C VAL B 269 21.04 -36.20 -23.35
N ALA B 270 21.08 -37.04 -24.39
CA ALA B 270 22.25 -37.88 -24.63
C ALA B 270 23.50 -37.04 -24.82
N CYS B 271 23.41 -35.95 -25.59
CA CYS B 271 24.53 -35.03 -25.71
C CYS B 271 24.86 -34.38 -24.37
N LEU B 272 23.83 -34.04 -23.57
CA LEU B 272 24.08 -33.42 -22.28
C LEU B 272 24.83 -34.38 -21.35
N ARG B 273 24.48 -35.67 -21.43
CA ARG B 273 25.14 -36.69 -20.61
C ARG B 273 26.62 -36.85 -20.94
N THR B 274 27.06 -36.48 -22.15
CA THR B 274 28.49 -36.54 -22.45
C THR B 274 29.23 -35.34 -21.91
N ARG B 275 28.55 -34.42 -21.25
CA ARG B 275 29.35 -33.28 -20.87
C ARG B 275 29.93 -33.46 -19.47
N PRO B 276 31.16 -33.02 -19.26
CA PRO B 276 31.71 -32.98 -17.90
C PRO B 276 30.76 -32.24 -16.96
N ALA B 277 30.57 -32.80 -15.76
CA ALA B 277 29.69 -32.18 -14.78
C ALA B 277 30.01 -30.71 -14.59
N GLN B 278 31.29 -30.37 -14.43
CA GLN B 278 31.67 -29.00 -14.17
C GLN B 278 31.24 -28.06 -15.31
N VAL B 279 31.28 -28.54 -16.54
CA VAL B 279 30.86 -27.72 -17.67
C VAL B 279 29.39 -27.31 -17.51
N LEU B 280 28.55 -28.25 -17.10
CA LEU B 280 27.16 -27.91 -16.83
C LEU B 280 27.06 -26.86 -15.73
N VAL B 281 27.73 -27.10 -14.59
CA VAL B 281 27.70 -26.13 -13.48
C VAL B 281 28.16 -24.75 -13.94
N ASN B 282 29.18 -24.68 -14.81
CA ASN B 282 29.71 -23.39 -15.19
C ASN B 282 28.72 -22.54 -15.99
N HIS B 283 27.71 -23.16 -16.57
CA HIS B 283 26.79 -22.44 -17.44
C HIS B 283 25.40 -22.31 -16.87
N GLU B 284 25.17 -22.80 -15.65
CA GLU B 284 23.80 -22.86 -15.12
C GLU B 284 23.19 -21.47 -14.99
N TRP B 285 23.95 -20.50 -14.46
CA TRP B 285 23.34 -19.20 -14.22
C TRP B 285 23.07 -18.44 -15.50
N HIS B 286 23.68 -18.85 -16.62
CA HIS B 286 23.49 -18.13 -17.87
C HIS B 286 22.06 -18.24 -18.39
N VAL B 287 21.29 -19.25 -17.95
CA VAL B 287 19.96 -19.45 -18.50
C VAL B 287 18.88 -18.61 -17.79
N LEU B 288 19.23 -17.89 -16.73
CA LEU B 288 18.24 -17.06 -16.04
C LEU B 288 17.78 -15.92 -16.94
N PRO B 289 16.48 -15.70 -17.08
CA PRO B 289 15.96 -14.64 -17.97
C PRO B 289 16.48 -13.24 -17.68
N GLN B 290 16.85 -12.93 -16.44
CA GLN B 290 17.45 -11.64 -16.15
C GLN B 290 18.36 -11.74 -14.93
N GLU B 291 19.19 -10.72 -14.76
CA GLU B 291 20.03 -10.64 -13.58
C GLU B 291 19.15 -10.33 -12.37
N SER B 292 19.26 -11.16 -11.33
CA SER B 292 18.34 -11.13 -10.22
C SER B 292 19.07 -11.57 -8.97
N VAL B 293 18.36 -11.51 -7.84
CA VAL B 293 18.75 -12.24 -6.65
C VAL B 293 17.57 -13.12 -6.27
N PHE B 294 17.85 -14.19 -5.53
CA PHE B 294 16.83 -15.13 -5.09
C PHE B 294 16.11 -15.80 -6.27
N ARG B 295 16.81 -16.02 -7.38
CA ARG B 295 16.24 -16.77 -8.51
C ARG B 295 17.23 -17.84 -8.92
N PHE B 296 16.74 -19.06 -9.13
CA PHE B 296 17.61 -20.20 -9.39
C PHE B 296 17.18 -20.96 -10.63
N SER B 297 18.16 -21.44 -11.40
CA SER B 297 17.91 -21.85 -12.77
C SER B 297 17.10 -23.13 -12.85
N PHE B 298 17.49 -24.14 -12.09
CA PHE B 298 16.86 -25.45 -12.18
C PHE B 298 16.25 -25.75 -10.82
N VAL B 299 14.92 -25.82 -10.79
CA VAL B 299 14.18 -25.91 -9.55
C VAL B 299 13.04 -26.88 -9.84
N PRO B 300 12.31 -27.35 -8.83
CA PRO B 300 11.14 -28.19 -9.10
C PRO B 300 10.24 -27.61 -10.17
N VAL B 301 9.66 -28.48 -10.98
CA VAL B 301 8.86 -28.10 -12.15
C VAL B 301 7.43 -28.53 -11.91
N VAL B 302 6.48 -27.64 -12.19
CA VAL B 302 5.07 -27.97 -12.01
C VAL B 302 4.59 -28.62 -13.31
N ASP B 303 4.61 -29.95 -13.36
CA ASP B 303 4.29 -30.67 -14.59
C ASP B 303 3.14 -31.66 -14.43
N GLY B 304 2.44 -31.66 -13.31
CA GLY B 304 1.30 -32.55 -13.13
C GLY B 304 1.65 -33.89 -12.53
N ASP B 305 2.93 -34.19 -12.36
CA ASP B 305 3.35 -35.49 -11.83
C ASP B 305 3.62 -35.34 -10.34
N PHE B 306 4.84 -34.97 -9.97
CA PHE B 306 5.14 -34.77 -8.55
C PHE B 306 4.18 -33.75 -7.93
N LEU B 307 3.98 -32.64 -8.63
CA LEU B 307 3.01 -31.59 -8.27
C LEU B 307 1.88 -31.62 -9.29
N SER B 308 0.69 -32.05 -8.86
CA SER B 308 -0.43 -32.13 -9.79
C SER B 308 -0.89 -30.75 -10.23
N ASP B 309 -0.71 -29.75 -9.37
CA ASP B 309 -1.00 -28.37 -9.66
C ASP B 309 0.12 -27.53 -9.07
N THR B 310 0.01 -26.22 -9.20
CA THR B 310 0.95 -25.34 -8.54
C THR B 310 0.81 -25.49 -7.03
N PRO B 311 1.89 -25.26 -6.28
CA PRO B 311 1.79 -25.33 -4.82
C PRO B 311 0.70 -24.41 -4.24
N GLU B 312 0.51 -23.19 -4.76
CA GLU B 312 -0.52 -22.34 -4.19
C GLU B 312 -1.89 -22.97 -4.37
N ALA B 313 -2.19 -23.41 -5.60
CA ALA B 313 -3.43 -24.14 -5.85
C ALA B 313 -3.59 -25.34 -4.91
N LEU B 314 -2.54 -26.15 -4.76
CA LEU B 314 -2.64 -27.35 -3.92
C LEU B 314 -2.79 -26.96 -2.45
N ILE B 315 -2.13 -25.88 -2.04
CA ILE B 315 -2.30 -25.37 -0.69
C ILE B 315 -3.75 -24.94 -0.45
N ASN B 316 -4.32 -24.20 -1.41
CA ASN B 316 -5.69 -23.70 -1.25
C ASN B 316 -6.71 -24.83 -1.23
N ALA B 317 -6.46 -25.90 -1.99
CA ALA B 317 -7.39 -27.00 -2.14
C ALA B 317 -7.26 -28.08 -1.09
N GLY B 318 -6.22 -28.04 -0.26
CA GLY B 318 -5.88 -29.19 0.53
C GLY B 318 -6.71 -29.30 1.80
N ASP B 319 -6.95 -30.55 2.21
CA ASP B 319 -7.45 -30.88 3.53
C ASP B 319 -6.26 -31.30 4.38
N PHE B 320 -6.02 -30.56 5.46
CA PHE B 320 -4.83 -30.76 6.29
C PHE B 320 -5.18 -31.16 7.72
N HIS B 321 -6.37 -31.70 7.94
CA HIS B 321 -6.66 -32.31 9.23
C HIS B 321 -5.74 -33.49 9.47
N GLY B 322 -5.33 -33.65 10.73
CA GLY B 322 -4.36 -34.66 11.11
C GLY B 322 -2.92 -34.20 11.06
N LEU B 323 -2.67 -32.97 10.60
CA LEU B 323 -1.33 -32.48 10.33
C LEU B 323 -0.96 -31.40 11.34
N GLN B 324 0.23 -31.52 11.92
CA GLN B 324 0.84 -30.45 12.68
C GLN B 324 2.06 -29.94 11.91
N VAL B 325 2.24 -28.62 11.92
CA VAL B 325 3.28 -27.96 11.15
C VAL B 325 3.89 -26.87 12.01
N LEU B 326 5.20 -26.73 11.93
CA LEU B 326 5.92 -25.64 12.59
C LEU B 326 6.63 -24.85 11.49
N VAL B 327 6.40 -23.54 11.46
CA VAL B 327 6.90 -22.68 10.40
C VAL B 327 7.49 -21.43 11.03
N GLY B 328 8.34 -20.75 10.28
CA GLY B 328 8.97 -19.57 10.84
C GLY B 328 9.95 -18.95 9.87
N VAL B 329 10.47 -17.80 10.29
CA VAL B 329 11.39 -17.00 9.49
C VAL B 329 12.43 -16.45 10.44
N VAL B 330 13.53 -15.93 9.90
CA VAL B 330 14.47 -15.13 10.69
C VAL B 330 14.04 -13.66 10.60
N LYS B 331 14.70 -12.81 11.39
CA LYS B 331 14.30 -11.41 11.46
C LYS B 331 14.63 -10.64 10.19
N ASP B 332 15.70 -10.99 9.48
CA ASP B 332 16.12 -10.23 8.31
C ASP B 332 16.32 -11.18 7.14
N GLU B 333 15.21 -11.73 6.65
CA GLU B 333 15.27 -12.71 5.57
C GLU B 333 16.01 -12.17 4.34
N GLY B 334 15.97 -10.86 4.11
CA GLY B 334 16.40 -10.33 2.82
C GLY B 334 17.84 -9.88 2.70
N SER B 335 18.46 -9.49 3.82
CA SER B 335 19.76 -8.81 3.75
C SER B 335 20.83 -9.68 3.05
N TYR B 336 20.87 -10.98 3.36
CA TYR B 336 21.91 -11.86 2.83
C TYR B 336 21.98 -11.81 1.31
N PHE B 337 20.82 -11.74 0.66
CA PHE B 337 20.78 -11.84 -0.80
C PHE B 337 21.19 -10.55 -1.50
N LEU B 338 21.11 -9.40 -0.83
CA LEU B 338 21.39 -8.12 -1.50
C LEU B 338 22.85 -7.99 -1.94
N VAL B 339 23.80 -8.61 -1.23
CA VAL B 339 25.21 -8.48 -1.60
C VAL B 339 25.55 -9.31 -2.84
N TYR B 340 24.58 -10.07 -3.37
CA TYR B 340 24.82 -10.86 -4.55
C TYR B 340 24.22 -10.23 -5.81
N GLY B 341 24.13 -8.91 -5.86
CA GLY B 341 23.66 -8.30 -7.10
C GLY B 341 22.96 -6.97 -6.99
N ALA B 342 22.43 -6.65 -5.82
CA ALA B 342 21.73 -5.37 -5.66
C ALA B 342 22.73 -4.22 -5.72
N PRO B 343 22.49 -3.22 -6.58
CA PRO B 343 23.47 -2.14 -6.72
C PRO B 343 23.67 -1.37 -5.42
N GLY B 344 24.93 -1.18 -5.05
CA GLY B 344 25.29 -0.44 -3.85
C GLY B 344 25.48 -1.28 -2.60
N PHE B 345 25.38 -2.60 -2.69
CA PHE B 345 25.41 -3.43 -1.50
C PHE B 345 26.76 -4.15 -1.39
N SER B 346 27.24 -4.27 -0.16
CA SER B 346 28.46 -5.00 0.13
C SER B 346 28.40 -5.40 1.60
N LYS B 347 28.96 -6.57 1.91
CA LYS B 347 29.16 -6.89 3.31
C LYS B 347 30.20 -5.97 3.94
N ASP B 348 31.07 -5.37 3.13
CA ASP B 348 32.26 -4.69 3.64
C ASP B 348 32.06 -3.19 3.78
N ASN B 349 30.85 -2.69 3.63
CA ASN B 349 30.53 -1.31 3.97
C ASN B 349 29.07 -1.29 4.45
N GLU B 350 28.55 -0.09 4.69
CA GLU B 350 27.23 0.04 5.28
C GLU B 350 26.09 -0.16 4.29
N SER B 351 26.37 -0.13 2.99
CA SER B 351 25.34 -0.34 1.97
C SER B 351 24.23 0.71 2.10
N LEU B 352 24.63 1.96 2.35
CA LEU B 352 23.70 3.09 2.45
C LEU B 352 23.38 3.54 1.03
N ILE B 353 22.37 2.92 0.43
CA ILE B 353 22.15 3.05 -1.01
C ILE B 353 21.37 4.33 -1.30
N SER B 354 21.50 4.78 -2.56
CA SER B 354 20.75 5.95 -3.02
C SER B 354 19.34 5.52 -3.45
N ARG B 355 18.49 6.53 -3.64
CA ARG B 355 17.15 6.27 -4.14
C ARG B 355 17.21 5.60 -5.50
N ALA B 356 18.13 6.06 -6.35
CA ALA B 356 18.28 5.44 -7.66
C ALA B 356 18.75 3.99 -7.53
N GLU B 357 19.60 3.70 -6.55
CA GLU B 357 20.03 2.33 -6.37
C GLU B 357 18.90 1.44 -5.85
N PHE B 358 18.09 1.98 -4.95
CA PHE B 358 16.92 1.26 -4.45
C PHE B 358 15.98 0.89 -5.58
N LEU B 359 15.62 1.87 -6.43
CA LEU B 359 14.71 1.57 -7.53
C LEU B 359 15.29 0.56 -8.48
N ALA B 360 16.61 0.58 -8.67
CA ALA B 360 17.26 -0.44 -9.48
C ALA B 360 17.20 -1.79 -8.80
N GLY B 361 17.45 -1.82 -7.48
CA GLY B 361 17.39 -3.06 -6.74
C GLY B 361 16.01 -3.70 -6.74
N VAL B 362 14.97 -2.89 -6.83
CA VAL B 362 13.63 -3.44 -6.86
C VAL B 362 13.44 -4.34 -8.08
N ARG B 363 14.01 -3.94 -9.23
CA ARG B 363 13.92 -4.78 -10.41
C ARG B 363 14.80 -6.01 -10.30
N VAL B 364 15.90 -5.92 -9.54
CA VAL B 364 16.73 -7.09 -9.30
C VAL B 364 16.02 -8.03 -8.32
N GLY B 365 15.39 -7.47 -7.29
CA GLY B 365 14.73 -8.25 -6.27
C GLY B 365 13.35 -8.74 -6.66
N VAL B 366 12.71 -8.09 -7.63
CA VAL B 366 11.41 -8.57 -8.07
C VAL B 366 11.48 -8.71 -9.58
N PRO B 367 12.25 -9.68 -10.08
CA PRO B 367 12.50 -9.75 -11.52
C PRO B 367 11.27 -10.25 -12.27
N GLN B 368 11.25 -9.93 -13.57
CA GLN B 368 10.24 -10.43 -14.51
C GLN B 368 8.81 -10.07 -14.07
N VAL B 369 8.62 -8.84 -13.57
CA VAL B 369 7.28 -8.31 -13.37
C VAL B 369 7.17 -7.03 -14.20
N SER B 370 5.93 -6.62 -14.45
CA SER B 370 5.65 -5.43 -15.22
C SER B 370 6.15 -4.17 -14.51
N ASP B 371 6.36 -3.11 -15.30
CA ASP B 371 6.67 -1.81 -14.71
C ASP B 371 5.61 -1.39 -13.71
N LEU B 372 4.34 -1.62 -14.05
CA LEU B 372 3.27 -1.29 -13.12
C LEU B 372 3.48 -2.03 -11.80
N ALA B 373 3.74 -3.34 -11.88
CA ALA B 373 3.97 -4.13 -10.68
C ALA B 373 5.16 -3.61 -9.90
N ALA B 374 6.25 -3.30 -10.60
CA ALA B 374 7.39 -2.68 -9.93
C ALA B 374 6.98 -1.39 -9.23
N GLU B 375 6.13 -0.57 -9.89
CA GLU B 375 5.64 0.66 -9.27
C GLU B 375 4.83 0.38 -8.01
N ALA B 376 3.98 -0.65 -8.04
CA ALA B 376 3.26 -0.99 -6.81
C ALA B 376 4.22 -1.35 -5.68
N VAL B 377 5.34 -2.02 -5.99
CA VAL B 377 6.32 -2.34 -4.95
C VAL B 377 6.93 -1.07 -4.39
N VAL B 378 7.34 -0.15 -5.28
CA VAL B 378 7.96 1.09 -4.83
C VAL B 378 7.01 1.89 -3.96
N LEU B 379 5.71 1.87 -4.29
CA LEU B 379 4.71 2.61 -3.51
C LEU B 379 4.64 2.10 -2.08
N HIS B 380 4.61 0.78 -1.90
N HIS B 380 4.60 0.77 -1.91
CA HIS B 380 4.35 0.21 -0.59
CA HIS B 380 4.38 0.20 -0.59
C HIS B 380 5.61 0.12 0.28
C HIS B 380 5.61 0.39 0.29
N TYR B 381 6.80 0.26 -0.30
CA TYR B 381 8.04 0.20 0.46
C TYR B 381 8.76 1.52 0.57
N THR B 382 8.33 2.54 -0.15
CA THR B 382 8.85 3.88 0.07
C THR B 382 8.16 4.52 1.26
N ASP B 383 8.93 5.14 2.14
CA ASP B 383 8.38 6.03 3.17
C ASP B 383 8.33 7.42 2.55
N TRP B 384 7.13 7.89 2.24
CA TRP B 384 7.02 9.12 1.46
C TRP B 384 7.27 10.38 2.29
N LEU B 385 7.43 10.28 3.61
CA LEU B 385 8.02 11.36 4.39
C LEU B 385 9.54 11.36 4.33
N HIS B 386 10.15 10.24 3.96
CA HIS B 386 11.61 10.14 3.85
C HIS B 386 11.95 9.33 2.59
N PRO B 387 11.59 9.84 1.41
CA PRO B 387 11.70 9.00 0.20
C PRO B 387 13.14 8.63 -0.16
N GLU B 388 14.13 9.36 0.35
CA GLU B 388 15.51 9.15 -0.12
C GLU B 388 16.50 8.92 1.02
N ASP B 389 16.02 8.56 2.21
CA ASP B 389 16.92 8.28 3.32
C ASP B 389 17.68 6.97 3.09
N PRO B 390 19.01 6.99 2.95
CA PRO B 390 19.74 5.76 2.61
C PRO B 390 19.48 4.59 3.55
N ALA B 391 19.57 4.79 4.87
CA ALA B 391 19.41 3.67 5.79
C ALA B 391 18.03 3.06 5.67
N ARG B 392 16.99 3.90 5.51
CA ARG B 392 15.63 3.38 5.30
C ARG B 392 15.50 2.66 3.97
N LEU B 393 16.21 3.13 2.94
CA LEU B 393 16.14 2.46 1.65
C LEU B 393 16.80 1.08 1.72
N ARG B 394 17.94 0.99 2.42
CA ARG B 394 18.60 -0.28 2.62
C ARG B 394 17.67 -1.27 3.33
N GLU B 395 17.06 -0.84 4.44
CA GLU B 395 16.13 -1.74 5.14
C GLU B 395 14.92 -2.08 4.28
N ALA B 396 14.46 -1.13 3.46
CA ALA B 396 13.27 -1.37 2.66
C ALA B 396 13.55 -2.38 1.55
N LEU B 397 14.69 -2.26 0.86
CA LEU B 397 15.03 -3.26 -0.14
C LEU B 397 15.19 -4.64 0.51
N SER B 398 15.86 -4.70 1.66
CA SER B 398 15.96 -5.96 2.41
C SER B 398 14.59 -6.55 2.67
N ASP B 399 13.63 -5.70 3.08
CA ASP B 399 12.26 -6.14 3.32
C ASP B 399 11.58 -6.62 2.04
N VAL B 400 11.81 -5.90 0.93
CA VAL B 400 11.22 -6.30 -0.35
C VAL B 400 11.62 -7.73 -0.70
N VAL B 401 12.92 -8.00 -0.69
CA VAL B 401 13.42 -9.32 -1.08
C VAL B 401 12.96 -10.37 -0.07
N GLY B 402 13.08 -10.07 1.22
CA GLY B 402 12.67 -11.03 2.25
C GLY B 402 11.17 -11.31 2.25
N ASP B 403 10.35 -10.25 2.16
CA ASP B 403 8.89 -10.43 2.18
C ASP B 403 8.43 -11.22 0.97
N HIS B 404 8.90 -10.81 -0.21
CA HIS B 404 8.53 -11.44 -1.47
C HIS B 404 8.92 -12.92 -1.49
N ASN B 405 10.12 -13.25 -1.03
CA ASN B 405 10.63 -14.60 -1.26
C ASN B 405 10.40 -15.57 -0.11
N VAL B 406 10.34 -15.09 1.13
CA VAL B 406 10.24 -15.97 2.30
C VAL B 406 9.02 -15.64 3.15
N VAL B 407 8.95 -14.41 3.67
CA VAL B 407 8.00 -14.13 4.75
C VAL B 407 6.56 -14.29 4.26
N CYS B 408 6.26 -13.76 3.10
CA CYS B 408 4.86 -13.78 2.71
C CYS B 408 4.44 -15.15 2.17
N PRO B 409 5.30 -15.85 1.41
CA PRO B 409 5.00 -17.27 1.11
C PRO B 409 4.76 -18.13 2.36
N VAL B 410 5.62 -18.01 3.38
CA VAL B 410 5.40 -18.76 4.62
C VAL B 410 4.08 -18.38 5.26
N ALA B 411 3.82 -17.06 5.37
CA ALA B 411 2.57 -16.59 5.97
C ALA B 411 1.36 -17.14 5.22
N GLN B 412 1.39 -17.09 3.89
CA GLN B 412 0.26 -17.62 3.14
C GLN B 412 0.07 -19.10 3.41
N LEU B 413 1.16 -19.87 3.45
CA LEU B 413 1.07 -21.29 3.76
C LEU B 413 0.49 -21.49 5.16
N ALA B 414 1.07 -20.83 6.16
CA ALA B 414 0.62 -20.97 7.53
C ALA B 414 -0.88 -20.69 7.67
N GLY B 415 -1.34 -19.57 7.09
CA GLY B 415 -2.73 -19.19 7.25
C GLY B 415 -3.68 -20.14 6.53
N ARG B 416 -3.30 -20.57 5.32
CA ARG B 416 -4.16 -21.50 4.61
C ARG B 416 -4.22 -22.85 5.33
N LEU B 417 -3.08 -23.37 5.78
CA LEU B 417 -3.07 -24.65 6.48
C LEU B 417 -3.89 -24.57 7.75
N ALA B 418 -3.73 -23.49 8.51
CA ALA B 418 -4.51 -23.31 9.73
C ALA B 418 -6.00 -23.31 9.43
N ALA B 419 -6.42 -22.48 8.47
CA ALA B 419 -7.83 -22.43 8.08
C ALA B 419 -8.37 -23.80 7.69
N GLN B 420 -7.55 -24.63 7.04
CA GLN B 420 -8.04 -25.87 6.47
C GLN B 420 -7.69 -27.09 7.30
N GLY B 421 -7.46 -26.91 8.60
CA GLY B 421 -7.52 -28.01 9.54
C GLY B 421 -6.20 -28.51 10.08
N ALA B 422 -5.12 -27.77 9.95
CA ALA B 422 -3.84 -28.19 10.50
C ALA B 422 -3.53 -27.34 11.72
N ARG B 423 -2.89 -27.95 12.73
CA ARG B 423 -2.41 -27.16 13.85
C ARG B 423 -1.03 -26.61 13.48
N VAL B 424 -0.92 -25.28 13.45
CA VAL B 424 0.27 -24.57 12.98
C VAL B 424 0.88 -23.80 14.14
N TYR B 425 2.21 -23.79 14.20
CA TYR B 425 2.94 -22.94 15.12
C TYR B 425 3.93 -22.13 14.32
N ALA B 426 4.06 -20.84 14.66
CA ALA B 426 4.90 -19.94 13.89
C ALA B 426 5.86 -19.21 14.81
N TYR B 427 7.04 -18.91 14.29
CA TYR B 427 8.08 -18.22 15.03
C TYR B 427 8.72 -17.18 14.13
N VAL B 428 9.37 -16.20 14.77
CA VAL B 428 10.36 -15.35 14.15
C VAL B 428 11.61 -15.48 14.99
N PHE B 429 12.73 -15.81 14.35
CA PHE B 429 13.98 -16.05 15.05
C PHE B 429 14.77 -14.74 15.03
N GLU B 430 15.10 -14.23 16.23
CA GLU B 430 15.51 -12.84 16.34
C GLU B 430 16.85 -12.67 17.05
N HIS B 431 17.54 -13.76 17.34
CA HIS B 431 18.82 -13.64 18.01
C HIS B 431 19.93 -13.57 16.97
N ARG B 432 20.82 -12.61 17.13
CA ARG B 432 21.98 -12.47 16.25
C ARG B 432 23.17 -13.07 16.97
N ALA B 433 23.68 -14.19 16.43
CA ALA B 433 24.75 -14.93 17.08
C ALA B 433 25.95 -14.03 17.37
N SER B 434 26.52 -14.19 18.56
CA SER B 434 27.73 -13.46 18.91
C SER B 434 28.88 -13.77 17.97
N THR B 435 28.85 -14.92 17.30
CA THR B 435 29.93 -15.31 16.40
C THR B 435 29.69 -14.89 14.96
N LEU B 436 28.54 -14.29 14.66
CA LEU B 436 28.18 -13.98 13.28
C LEU B 436 29.25 -13.11 12.60
N SER B 437 29.68 -13.54 11.42
CA SER B 437 30.74 -12.87 10.68
C SER B 437 30.21 -11.81 9.71
N TRP B 438 28.93 -11.86 9.37
CA TRP B 438 28.31 -10.85 8.51
C TRP B 438 28.22 -9.53 9.24
N PRO B 439 28.18 -8.42 8.50
CA PRO B 439 28.15 -7.08 9.14
C PRO B 439 26.89 -6.85 9.97
N LEU B 440 26.94 -5.80 10.78
CA LEU B 440 25.85 -5.51 11.70
C LEU B 440 24.58 -5.10 10.96
N TRP B 441 24.68 -4.39 9.84
CA TRP B 441 23.47 -3.91 9.17
C TRP B 441 22.62 -5.04 8.62
N MET B 442 23.18 -6.25 8.43
CA MET B 442 22.38 -7.37 7.92
C MET B 442 21.48 -7.99 8.98
N GLY B 443 21.63 -7.60 10.25
CA GLY B 443 20.72 -8.08 11.28
C GLY B 443 20.88 -9.57 11.52
N VAL B 444 19.76 -10.28 11.51
CA VAL B 444 19.73 -11.73 11.66
C VAL B 444 19.46 -12.35 10.29
N PRO B 445 20.48 -12.76 9.55
CA PRO B 445 20.28 -13.10 8.14
C PRO B 445 19.67 -14.48 7.93
N HIS B 446 19.25 -14.68 6.70
CA HIS B 446 18.73 -15.96 6.22
C HIS B 446 19.73 -17.06 6.54
N GLY B 447 19.25 -18.10 7.23
CA GLY B 447 20.07 -19.26 7.49
C GLY B 447 20.71 -19.31 8.86
N TYR B 448 20.60 -18.28 9.68
CA TYR B 448 21.40 -18.22 10.89
C TYR B 448 20.65 -18.62 12.14
N GLU B 449 19.45 -19.19 12.00
CA GLU B 449 18.83 -19.96 13.08
C GLU B 449 19.28 -21.42 13.10
N ILE B 450 19.80 -21.95 11.98
CA ILE B 450 20.04 -23.39 11.86
C ILE B 450 21.01 -23.88 12.93
N GLU B 451 22.15 -23.19 13.07
CA GLU B 451 23.16 -23.56 14.05
C GLU B 451 22.60 -23.69 15.46
N PHE B 452 21.60 -22.88 15.82
CA PHE B 452 20.98 -23.01 17.12
C PHE B 452 20.04 -24.20 17.18
N ILE B 453 19.28 -24.45 16.10
CA ILE B 453 18.41 -25.63 16.08
C ILE B 453 19.21 -26.90 16.25
N PHE B 454 20.39 -26.97 15.61
CA PHE B 454 21.20 -28.18 15.67
C PHE B 454 22.10 -28.23 16.91
N GLY B 455 22.10 -27.20 17.75
CA GLY B 455 22.88 -27.22 18.98
C GLY B 455 24.36 -27.00 18.81
N ILE B 456 24.78 -26.51 17.65
CA ILE B 456 26.18 -26.21 17.33
C ILE B 456 26.87 -25.43 18.46
N PRO B 457 26.21 -24.49 19.17
CA PRO B 457 26.91 -23.83 20.29
C PRO B 457 27.40 -24.79 21.37
N LEU B 458 26.89 -26.02 21.44
CA LEU B 458 27.43 -26.98 22.41
C LEU B 458 28.80 -27.52 22.01
N ASP B 459 29.23 -27.26 20.79
CA ASP B 459 30.53 -27.72 20.32
C ASP B 459 31.61 -27.02 21.12
N PRO B 460 32.48 -27.77 21.82
CA PRO B 460 33.53 -27.10 22.62
C PRO B 460 34.43 -26.21 21.78
N SER B 461 34.81 -26.69 20.59
CA SER B 461 35.66 -25.96 19.67
C SER B 461 35.13 -24.58 19.32
N ARG B 462 33.84 -24.34 19.54
CA ARG B 462 33.24 -23.07 19.17
C ARG B 462 33.20 -22.12 20.36
N ASN B 463 32.95 -20.84 20.07
CA ASN B 463 33.07 -19.83 21.09
C ASN B 463 31.77 -19.07 21.24
N TYR B 464 30.66 -19.77 21.44
CA TYR B 464 29.41 -19.13 21.76
C TYR B 464 29.38 -18.79 23.25
N THR B 465 28.48 -17.89 23.61
CA THR B 465 28.31 -17.58 25.02
C THR B 465 27.53 -18.70 25.72
N ALA B 466 27.59 -18.68 27.04
CA ALA B 466 26.84 -19.66 27.81
C ALA B 466 25.33 -19.48 27.68
N GLU B 467 24.84 -18.23 27.51
CA GLU B 467 23.40 -18.06 27.28
C GLU B 467 22.99 -18.57 25.91
N GLU B 468 23.85 -18.38 24.91
CA GLU B 468 23.55 -18.96 23.61
C GLU B 468 23.47 -20.48 23.69
N LYS B 469 24.24 -21.10 24.58
CA LYS B 469 24.13 -22.55 24.76
C LYS B 469 22.80 -22.92 25.40
N ILE B 470 22.37 -22.14 26.39
CA ILE B 470 21.04 -22.31 26.96
C ILE B 470 19.98 -22.13 25.89
N PHE B 471 20.14 -21.08 25.06
CA PHE B 471 19.17 -20.79 24.01
C PHE B 471 19.05 -21.95 23.04
N ALA B 472 20.20 -22.47 22.59
CA ALA B 472 20.20 -23.64 21.70
C ALA B 472 19.47 -24.82 22.33
N GLN B 473 19.75 -25.09 23.60
CA GLN B 473 19.06 -26.20 24.26
C GLN B 473 17.56 -25.99 24.28
N ARG B 474 17.11 -24.73 24.50
CA ARG B 474 15.69 -24.41 24.45
C ARG B 474 15.10 -24.73 23.08
N LEU B 475 15.76 -24.26 22.02
CA LEU B 475 15.28 -24.50 20.67
C LEU B 475 15.28 -25.99 20.31
N MET B 476 16.35 -26.71 20.68
CA MET B 476 16.34 -28.16 20.42
C MET B 476 15.16 -28.83 21.10
N ARG B 477 14.83 -28.38 22.31
CA ARG B 477 13.70 -28.92 23.05
C ARG B 477 12.38 -28.62 22.34
N TYR B 478 12.21 -27.39 21.83
CA TYR B 478 11.01 -27.04 21.06
C TYR B 478 10.84 -27.94 19.85
N TRP B 479 11.87 -27.98 18.99
CA TRP B 479 11.84 -28.83 17.80
C TRP B 479 11.56 -30.29 18.15
N ALA B 480 12.19 -30.82 19.20
CA ALA B 480 11.97 -32.25 19.48
C ALA B 480 10.63 -32.49 20.16
N ASN B 481 10.19 -31.56 21.02
CA ASN B 481 8.81 -31.63 21.52
C ASN B 481 7.81 -31.67 20.37
N PHE B 482 8.01 -30.80 19.37
CA PHE B 482 7.12 -30.83 18.22
C PHE B 482 7.22 -32.16 17.48
N ALA B 483 8.45 -32.66 17.30
CA ALA B 483 8.61 -33.96 16.65
C ALA B 483 7.85 -35.05 17.42
N ARG B 484 7.99 -35.07 18.74
CA ARG B 484 7.37 -36.13 19.53
C ARG B 484 5.86 -36.02 19.55
N THR B 485 5.33 -34.82 19.84
CA THR B 485 3.92 -34.65 20.14
C THR B 485 3.15 -33.79 19.14
N GLY B 486 3.82 -33.12 18.19
CA GLY B 486 3.14 -32.16 17.34
C GLY B 486 2.85 -30.85 18.02
N ASP B 487 3.54 -30.57 19.10
CA ASP B 487 3.28 -29.41 19.94
C ASP B 487 4.61 -29.02 20.57
N PRO B 488 5.17 -27.88 20.21
CA PRO B 488 6.48 -27.49 20.74
C PRO B 488 6.47 -27.24 22.23
N ASN B 489 5.29 -27.10 22.84
CA ASN B 489 5.20 -26.68 24.22
C ASN B 489 5.60 -27.81 25.16
N GLU B 490 6.34 -27.45 26.20
CA GLU B 490 6.93 -28.48 27.05
C GLU B 490 5.85 -29.15 27.88
N PRO B 491 5.61 -30.45 27.68
CA PRO B 491 4.49 -31.13 28.36
C PRO B 491 4.53 -30.94 29.87
N ARG B 492 3.37 -30.56 30.43
CA ARG B 492 3.19 -30.14 31.82
C ARG B 492 4.33 -29.29 32.34
N ASP B 493 4.42 -28.05 31.85
CA ASP B 493 5.24 -27.02 32.50
C ASP B 493 4.55 -25.69 32.30
N PRO B 494 3.61 -25.32 33.22
CA PRO B 494 3.10 -23.94 33.24
C PRO B 494 4.23 -22.98 33.59
N LYS B 495 3.98 -21.81 34.19
CA LYS B 495 5.10 -20.91 34.55
C LYS B 495 5.75 -20.36 33.27
N ALA B 496 6.32 -21.28 32.48
CA ALA B 496 7.04 -21.00 31.26
C ALA B 496 6.04 -20.64 30.16
N PRO B 497 6.16 -19.47 29.55
CA PRO B 497 5.10 -18.98 28.68
C PRO B 497 4.82 -19.95 27.54
N GLN B 498 3.55 -20.00 27.17
CA GLN B 498 3.08 -20.94 26.15
C GLN B 498 3.27 -20.37 24.76
N TRP B 499 3.47 -21.28 23.80
CA TRP B 499 3.54 -20.92 22.40
C TRP B 499 2.20 -21.23 21.77
N PRO B 500 1.39 -20.24 21.39
CA PRO B 500 0.04 -20.53 20.92
C PRO B 500 0.04 -20.94 19.46
N PRO B 501 -0.95 -21.69 19.03
CA PRO B 501 -1.08 -21.99 17.59
C PRO B 501 -1.27 -20.73 16.75
N TYR B 502 -0.74 -20.78 15.54
CA TYR B 502 -0.98 -19.74 14.55
C TYR B 502 -2.31 -20.00 13.84
N THR B 503 -3.18 -19.00 13.82
CA THR B 503 -4.46 -19.09 13.14
C THR B 503 -4.58 -17.95 12.13
N ALA B 504 -5.45 -18.16 11.13
CA ALA B 504 -5.56 -17.16 10.06
C ALA B 504 -6.07 -15.83 10.59
N GLY B 505 -6.87 -15.84 11.65
CA GLY B 505 -7.38 -14.59 12.23
C GLY B 505 -6.42 -13.94 13.18
N ALA B 506 -6.13 -14.57 14.32
CA ALA B 506 -5.27 -13.92 15.31
C ALA B 506 -3.81 -13.84 14.85
N GLN B 507 -3.36 -14.80 14.01
CA GLN B 507 -2.02 -14.77 13.41
C GLN B 507 -0.92 -14.66 14.45
N GLN B 508 -1.05 -15.39 15.55
CA GLN B 508 -0.07 -15.32 16.63
C GLN B 508 1.18 -16.15 16.31
N TYR B 509 2.35 -15.63 16.68
CA TYR B 509 3.63 -16.32 16.58
C TYR B 509 4.46 -15.91 17.79
N VAL B 510 5.62 -16.55 17.97
CA VAL B 510 6.50 -16.20 19.08
C VAL B 510 7.86 -15.76 18.55
N SER B 511 8.51 -14.87 19.31
CA SER B 511 9.89 -14.49 19.06
C SER B 511 10.81 -15.47 19.75
N LEU B 512 11.83 -15.94 19.03
CA LEU B 512 12.85 -16.81 19.59
C LEU B 512 14.11 -15.97 19.71
N ASP B 513 14.49 -15.68 20.96
CA ASP B 513 15.78 -15.06 21.26
C ASP B 513 16.14 -15.45 22.69
N LEU B 514 17.12 -14.75 23.27
CA LEU B 514 17.56 -15.04 24.63
C LEU B 514 16.49 -14.74 25.68
N ARG B 515 15.56 -13.82 25.40
CA ARG B 515 14.47 -13.53 26.30
C ARG B 515 13.45 -14.65 26.23
N PRO B 516 12.57 -14.77 27.23
CA PRO B 516 11.51 -15.79 27.14
C PRO B 516 10.58 -15.50 25.98
N LEU B 517 9.81 -16.52 25.61
CA LEU B 517 8.82 -16.38 24.54
C LEU B 517 7.98 -15.13 24.72
N GLU B 518 7.89 -14.32 23.66
CA GLU B 518 6.96 -13.21 23.59
C GLU B 518 6.02 -13.47 22.42
N VAL B 519 4.70 -13.40 22.66
CA VAL B 519 3.70 -13.62 21.62
C VAL B 519 3.45 -12.32 20.87
N ARG B 520 3.35 -12.39 19.54
CA ARG B 520 3.04 -11.23 18.72
C ARG B 520 2.06 -11.63 17.65
N ARG B 521 1.56 -10.65 16.91
CA ARG B 521 0.52 -10.85 15.90
C ARG B 521 1.00 -10.42 14.52
N GLY B 522 0.65 -11.22 13.52
CA GLY B 522 0.90 -10.84 12.14
C GLY B 522 2.31 -11.02 11.64
N LEU B 523 2.49 -11.93 10.68
CA LEU B 523 3.77 -12.11 10.00
C LEU B 523 3.84 -11.10 8.85
N ARG B 524 4.28 -9.89 9.18
N ARG B 524 4.27 -9.88 9.22
CA ARG B 524 4.31 -8.76 8.24
CA ARG B 524 4.30 -8.72 8.33
C ARG B 524 2.97 -8.63 7.50
C ARG B 524 2.99 -8.62 7.53
N ALA B 525 1.90 -8.45 8.29
CA ALA B 525 0.55 -8.55 7.74
C ALA B 525 0.28 -7.51 6.65
N GLN B 526 0.62 -6.24 6.90
CA GLN B 526 0.38 -5.22 5.89
C GLN B 526 1.15 -5.51 4.61
N ALA B 527 2.44 -5.80 4.73
CA ALA B 527 3.25 -6.15 3.56
C ALA B 527 2.72 -7.40 2.85
N CYS B 528 2.44 -8.45 3.60
CA CYS B 528 2.07 -9.70 2.94
C CYS B 528 0.69 -9.65 2.30
N ALA B 529 -0.16 -8.70 2.73
CA ALA B 529 -1.42 -8.48 2.03
C ALA B 529 -1.16 -7.98 0.62
N PHE B 530 -0.15 -7.13 0.46
CA PHE B 530 0.24 -6.71 -0.88
C PHE B 530 0.70 -7.92 -1.70
N TRP B 531 1.59 -8.74 -1.15
CA TRP B 531 2.18 -9.82 -1.94
C TRP B 531 1.19 -10.96 -2.18
N ASN B 532 0.36 -11.29 -1.18
CA ASN B 532 -0.50 -12.46 -1.30
C ASN B 532 -1.90 -12.17 -1.82
N ARG B 533 -2.40 -10.96 -1.66
CA ARG B 533 -3.74 -10.67 -2.13
C ARG B 533 -3.76 -9.72 -3.32
N PHE B 534 -2.98 -8.64 -3.30
CA PHE B 534 -3.18 -7.63 -4.34
C PHE B 534 -2.35 -7.91 -5.58
N LEU B 535 -1.03 -7.99 -5.43
CA LEU B 535 -0.15 -8.19 -6.57
C LEU B 535 -0.58 -9.30 -7.53
N PRO B 536 -1.07 -10.46 -7.07
CA PRO B 536 -1.54 -11.46 -8.05
C PRO B 536 -2.67 -10.94 -8.92
N LYS B 537 -3.60 -10.15 -8.34
CA LYS B 537 -4.67 -9.55 -9.14
C LYS B 537 -4.13 -8.59 -10.19
N LEU B 538 -3.08 -7.85 -9.85
CA LEU B 538 -2.47 -6.94 -10.80
C LEU B 538 -1.82 -7.70 -11.95
N LEU B 539 -1.15 -8.82 -11.63
CA LEU B 539 -0.47 -9.60 -12.66
C LEU B 539 -1.45 -10.23 -13.64
N SER B 540 -2.63 -10.64 -13.16
CA SER B 540 -3.69 -11.07 -14.06
C SER B 540 -4.13 -9.95 -15.00
N ALA B 541 -4.34 -8.74 -14.47
CA ALA B 541 -4.82 -7.59 -15.26
C ALA B 541 -3.68 -6.68 -15.76
C1 NAG C . -27.35 3.13 11.61
C2 NAG C . -27.61 1.61 11.70
C3 NAG C . -27.64 0.99 10.31
C4 NAG C . -28.61 1.74 9.40
C5 NAG C . -28.25 3.23 9.39
C6 NAG C . -29.19 4.10 8.58
C7 NAG C . -26.94 0.24 13.62
C8 NAG C . -28.40 0.18 13.96
N2 NAG C . -26.62 0.94 12.53
O3 NAG C . -28.03 -0.37 10.41
O4 NAG C . -28.52 1.21 8.07
O5 NAG C . -28.29 3.73 10.74
O6 NAG C . -30.52 3.61 8.62
O7 NAG C . -26.09 -0.33 14.31
C1 NAG C . -29.81 0.75 7.61
C2 NAG C . -29.76 0.71 6.07
C3 NAG C . -31.08 0.21 5.50
C4 NAG C . -31.47 -1.13 6.15
C5 NAG C . -31.45 -0.99 7.67
C6 NAG C . -31.74 -2.28 8.40
C7 NAG C . -28.25 2.31 4.98
C8 NAG C . -28.08 3.72 4.49
N2 NAG C . -29.44 2.02 5.53
O3 NAG C . -30.96 0.04 4.10
O4 NAG C . -32.77 -1.54 5.72
O5 NAG C . -30.15 -0.56 8.11
O6 NAG C . -32.38 -2.03 9.65
O7 NAG C . -27.36 1.47 4.88
C1 FUC C . -31.50 4.62 8.94
C2 FUC C . -32.83 3.83 9.10
C3 FUC C . -32.88 3.08 10.47
C4 FUC C . -32.61 4.04 11.63
C5 FUC C . -31.25 4.68 11.39
C6 FUC C . -30.83 5.68 12.47
O2 FUC C . -33.03 2.90 8.03
O3 FUC C . -34.17 2.50 10.66
O4 FUC C . -33.64 5.03 11.68
O5 FUC C . -31.19 5.39 10.10
C1 NAG D . 29.84 -0.30 -0.94
C2 NAG D . 30.12 1.04 -1.65
C3 NAG D . 29.59 1.00 -3.09
C4 NAG D . 30.13 -0.20 -3.83
C5 NAG D . 29.81 -1.47 -3.05
C6 NAG D . 30.40 -2.74 -3.65
C7 NAG D . 30.24 3.13 -0.36
C8 NAG D . 31.73 3.04 -0.53
N2 NAG D . 29.53 2.14 -0.92
O3 NAG D . 29.96 2.19 -3.76
O4 NAG D . 29.54 -0.22 -5.14
O5 NAG D . 30.35 -1.37 -1.72
O6 NAG D . 31.70 -2.49 -4.16
O7 NAG D . 29.71 4.05 0.25
C1 NAG D . 30.47 -0.48 -6.24
C2 NAG D . 29.65 -1.04 -7.41
C3 NAG D . 30.58 -1.39 -8.58
C4 NAG D . 31.43 -0.19 -8.96
C5 NAG D . 32.16 0.37 -7.72
C6 NAG D . 32.94 1.63 -8.03
C7 NAG D . 27.56 -2.27 -7.09
C8 NAG D . 26.87 -1.07 -7.68
N2 NAG D . 28.88 -2.21 -6.99
O3 NAG D . 29.81 -1.81 -9.69
O4 NAG D . 32.38 -0.57 -9.95
O5 NAG D . 31.22 0.69 -6.69
O6 NAG D . 32.33 2.77 -7.47
O7 NAG D . 26.93 -3.26 -6.73
C1 FUC D . 32.67 -3.44 -3.67
C2 FUC D . 33.94 -3.17 -4.47
C3 FUC D . 34.45 -1.76 -4.18
C4 FUC D . 34.73 -1.60 -2.67
C5 FUC D . 33.48 -2.02 -1.84
C6 FUC D . 33.75 -2.18 -0.34
O2 FUC D . 33.74 -3.37 -5.87
O3 FUC D . 35.66 -1.50 -4.89
O4 FUC D . 35.85 -2.38 -2.29
O5 FUC D . 32.92 -3.30 -2.28
C1 EDO E . -9.81 -0.63 8.63
O1 EDO E . -8.59 0.07 8.36
C2 EDO E . -9.73 -2.09 8.17
O2 EDO E . -8.88 -2.88 9.03
C1 EDO F . 3.95 13.15 -0.83
O1 EDO F . 5.09 13.44 -1.67
C2 EDO F . 3.22 11.88 -1.27
O2 EDO F . 2.91 11.90 -2.68
C7 GD8 G . -20.31 22.58 2.71
C4 GD8 G . -20.84 21.79 1.52
C6 GD8 G . -20.76 20.31 1.85
C5 GD8 G . -22.30 22.15 1.30
C2 GD8 G . -20.02 22.03 0.23
C3 GD8 G . -19.35 23.40 0.37
O2 GD8 G . -19.10 20.96 -0.07
P GD8 G . -18.09 20.95 -1.42
C1 GD8 G . -18.08 19.27 -2.23
O1 GD8 G . -18.55 21.87 -2.48
O3 HI6 H . -31.62 15.93 -7.72
O3 HI6 H . -24.90 16.87 -8.41
C14 HI6 H . -30.80 16.72 -7.39
C14 HI6 H . -26.02 16.66 -8.12
N4 HI6 H . -30.77 18.01 -8.03
N4 HI6 H . -27.04 16.57 -9.15
C11 HI6 H . -29.75 16.42 -6.30
C11 HI6 H . -26.40 16.45 -6.66
C10 HI6 H . -28.74 17.30 -6.16
C10 HI6 H . -27.66 16.73 -6.26
C9 HI6 H . -27.76 17.09 -5.20
C9 HI6 H . -28.02 16.53 -4.94
N3 HI6 H . -27.81 16.00 -4.40
N3 HI6 H . -27.10 16.06 -4.06
C13 HI6 H . -28.82 15.10 -4.55
C13 HI6 H . -25.85 15.78 -4.46
C12 HI6 H . -29.81 15.32 -5.51
C12 HI6 H . -25.48 15.98 -5.79
C8 HI6 H . -26.74 15.81 -3.43
C8 HI6 H . -27.51 15.85 -2.67
O2 HI6 H . -27.18 15.72 -2.10
O2 HI6 H . -26.74 16.59 -1.78
C7 HI6 H . -26.36 14.93 -1.31
C7 HI6 H . -26.17 15.85 -0.75
N2 HI6 H . -25.46 15.74 -0.52
N2 HI6 H . -24.96 16.57 -0.39
C2 HI6 H . -24.14 15.41 -0.48
C2 HI6 H . -23.78 16.21 -0.95
C1 HI6 H . -23.63 14.21 -1.29
C1 HI6 H . -23.74 15.02 -1.91
N1 HI6 H . -22.93 14.42 -2.30
N1 HI6 H . -22.77 14.22 -1.87
O1 HI6 H . -22.47 13.31 -3.02
O1 HI6 H . -22.75 13.13 -2.76
C3 HI6 H . -23.25 16.16 0.26
C3 HI6 H . -22.62 16.90 -0.63
C4 HI6 H . -23.70 17.23 0.95
C4 HI6 H . -22.68 17.95 0.23
C5 HI6 H . -25.01 17.57 0.93
C5 HI6 H . -23.86 18.32 0.79
C6 HI6 H . -25.90 16.80 0.19
C6 HI6 H . -25.02 17.63 0.47
C1 NAG I . 15.06 -39.91 -30.87
C2 NAG I . 13.68 -40.53 -31.16
C3 NAG I . 13.68 -42.02 -30.78
C4 NAG I . 14.83 -42.76 -31.46
C5 NAG I . 16.16 -42.06 -31.13
C6 NAG I . 17.37 -42.68 -31.82
C7 NAG I . 11.77 -38.99 -31.01
C8 NAG I . 10.73 -38.40 -30.10
N2 NAG I . 12.62 -39.84 -30.43
O3 NAG I . 12.44 -42.60 -31.14
O4 NAG I . 14.88 -44.10 -30.99
O5 NAG I . 16.09 -40.69 -31.55
O6 NAG I . 17.04 -43.43 -32.98
O7 NAG I . 11.81 -38.71 -32.20
N NO3 J . 7.29 -28.33 -22.19
O1 NO3 J . 8.19 -29.19 -22.29
O2 NO3 J . 6.17 -28.63 -21.68
O3 NO3 J . 7.49 -27.14 -22.61
O1 PE8 K . -0.32 -37.14 -18.56
C2 PE8 K . -0.66 -35.78 -18.74
C3 PE8 K . 0.30 -35.12 -19.74
O4 PE8 K . 0.68 -33.85 -19.26
C5 PE8 K . 1.78 -33.30 -19.94
C6 PE8 K . 2.97 -33.11 -18.99
O7 PE8 K . 3.87 -34.18 -19.07
C8 PE8 K . 4.61 -34.37 -17.89
C9 PE8 K . 4.84 -35.86 -17.62
O10 PE8 K . 4.24 -36.24 -16.41
C11 PE8 K . 3.64 -37.51 -16.43
C12 PE8 K . 2.76 -37.71 -15.19
O13 PE8 K . 1.39 -37.76 -15.51
C14 PE8 K . 0.54 -37.15 -14.59
C15 PE8 K . -0.79 -36.77 -15.26
O16 PE8 K . -0.84 -35.40 -15.56
C17 PE8 K . -1.89 -34.70 -14.94
C18 PE8 K . -1.83 -33.20 -15.25
O19 PE8 K . -0.81 -32.88 -16.17
C20 PE8 K . -0.65 -31.51 -16.49
C21 PE8 K . -0.94 -30.60 -15.28
O22 PE8 K . -0.23 -29.38 -15.37
C23 PE8 K . -0.24 -28.62 -14.20
C24 PE8 K . -1.69 -28.31 -13.78
O25 PE8 K . -1.81 -27.01 -13.27
C1 EDO L . -2.27 -11.02 6.57
O1 EDO L . -3.58 -11.52 6.84
C2 EDO L . -2.25 -10.26 5.24
O2 EDO L . -2.67 -11.12 4.16
C7 GD8 M . 21.36 -20.56 3.74
C4 GD8 M . 21.01 -21.25 2.43
C6 GD8 M . 22.30 -21.54 1.65
C5 GD8 M . 20.34 -22.59 2.73
C2 GD8 M . 20.05 -20.35 1.62
C3 GD8 M . 20.82 -19.33 0.76
O2 GD8 M . 19.33 -21.16 0.76
P GD8 M . 17.77 -20.97 0.31
C1 GD8 M . 17.62 -19.66 -0.99
O1 GD8 M . 17.50 -22.30 -0.29
O3 HI6 N . 26.13 -21.78 -11.93
C14 HI6 N . 26.60 -20.74 -11.56
N4 HI6 N . 27.75 -20.16 -12.26
C11 HI6 N . 25.98 -20.03 -10.34
C10 HI6 N . 25.18 -20.75 -9.51
C9 HI6 N . 24.60 -20.16 -8.41
N3 HI6 N . 24.85 -18.86 -8.14
C13 HI6 N . 25.66 -18.13 -8.94
C12 HI6 N . 26.23 -18.72 -10.06
C8 HI6 N . 24.26 -18.28 -6.95
O2 HI6 N . 25.12 -17.27 -6.47
C7 HI6 N . 25.64 -17.43 -5.18
N2 HI6 N . 24.71 -17.09 -4.09
C2 HI6 N . 24.83 -17.73 -2.89
C1 HI6 N . 25.93 -18.78 -2.69
N1 HI6 N . 25.96 -19.86 -3.33
O1 HI6 N . 26.98 -20.80 -3.11
C3 HI6 N . 23.97 -17.43 -1.85
C4 HI6 N . 23.00 -16.50 -2.02
C5 HI6 N . 22.89 -15.86 -3.20
C6 HI6 N . 23.74 -16.16 -4.26
#